data_7C7R
#
_entry.id   7C7R
#
_cell.length_a   171.171
_cell.length_b   171.171
_cell.length_c   102.503
_cell.angle_alpha   90.000
_cell.angle_beta   90.000
_cell.angle_gamma   90.000
#
_symmetry.space_group_name_H-M   'P 41 21 2'
#
loop_
_entity.id
_entity.type
_entity.pdbx_description
1 polymer 'Biofilm-associated surface protein'
2 non-polymer 'CALCIUM ION'
3 water water
#
_entity_poly.entity_id   1
_entity_poly.type   'polypeptide(L)'
_entity_poly.pdbx_seq_one_letter_code
;MGSSHHHHHHSSGLVPRGSHMENLYFQKSLGYTDNYTFASMLFDPGKLDSDDALNSNIIPFDLHSYMSGANSGNRYKIDL
KLDPIIAEHVTKISANPSGSNKPVEFVRNKDENGNLTDTWEVNFIRANDGLFGGAEILSQYTAKNGKIELDDTVGNIISN
AGNLSNNKLNHQVFVRDSRENKIVRTSESSGYFLTKADDDLVNLENNVSTENNNAFKASSGSATYNENVGEFGGILIDQQ
IMKNGIFSYSKTKANQWAYNYQIDKDLLPYIEGVELHQYDYKGLNGFDKNYDAKNKVADLTIDEVGNGTITSDNLNKLIE
FNNALPETVGVRVVLKLNKSVNNILTKDAKYDSEGNLIRETTKQKEDFTFAGYLTDSKGALINNTLGTSTLALQDYDKDG
LLDRYERQLSLSDAENEDTDGDGKNDGDEVVNYKTSPLVGKPQAADITT
;
_entity_poly.pdbx_strand_id   B,A
#
loop_
_chem_comp.id
_chem_comp.type
_chem_comp.name
_chem_comp.formula
CA non-polymer 'CALCIUM ION' 'Ca 2'
#
# COMPACT_ATOMS: atom_id res chain seq x y z
N GLN A 27 20.38 21.49 20.86
CA GLN A 27 19.15 22.27 20.77
C GLN A 27 18.49 22.08 19.40
N LYS A 28 19.26 21.61 18.43
CA LYS A 28 18.80 21.49 17.06
C LYS A 28 18.34 20.06 16.76
N SER A 29 17.26 19.95 15.99
CA SER A 29 16.66 18.67 15.66
C SER A 29 17.43 17.98 14.53
N LEU A 30 17.07 16.73 14.28
CA LEU A 30 17.76 15.88 13.32
C LEU A 30 16.83 15.49 12.18
N GLY A 31 17.41 15.28 11.01
CA GLY A 31 16.68 14.79 9.86
C GLY A 31 16.45 13.29 9.92
N TYR A 32 15.74 12.78 8.92
CA TYR A 32 15.35 11.38 8.85
C TYR A 32 16.08 10.66 7.73
N THR A 33 16.25 9.35 7.92
CA THR A 33 16.80 8.45 6.92
C THR A 33 15.99 7.17 6.94
N ASP A 34 16.26 6.28 5.98
CA ASP A 34 15.43 5.11 5.74
C ASP A 34 16.27 3.85 5.81
N ASN A 35 16.04 3.04 6.83
CA ASN A 35 16.60 1.69 6.92
C ASN A 35 15.53 0.80 7.52
N TYR A 36 14.94 -0.05 6.70
CA TYR A 36 13.78 -0.81 7.13
C TYR A 36 14.14 -1.91 8.12
N THR A 37 15.41 -2.30 8.19
CA THR A 37 15.81 -3.39 9.07
C THR A 37 15.54 -3.06 10.53
N PHE A 38 15.64 -1.79 10.92
CA PHE A 38 15.28 -1.37 12.27
C PHE A 38 13.77 -1.17 12.29
N ALA A 39 13.06 -2.29 12.43
CA ALA A 39 11.61 -2.28 12.25
C ALA A 39 10.90 -1.63 13.43
N SER A 40 11.33 -1.94 14.65
CA SER A 40 10.68 -1.41 15.85
C SER A 40 11.71 -1.18 16.94
N MET A 41 11.50 -0.13 17.72
CA MET A 41 12.37 0.19 18.86
C MET A 41 11.48 0.89 19.89
N LEU A 42 11.03 0.13 20.88
CA LEU A 42 10.07 0.61 21.87
C LEU A 42 10.76 0.91 23.19
N PHE A 43 10.41 2.05 23.78
CA PHE A 43 10.91 2.46 25.09
C PHE A 43 9.79 2.22 26.09
N ASP A 44 10.02 1.29 27.03
CA ASP A 44 9.01 0.85 27.98
C ASP A 44 9.43 1.23 29.39
N PRO A 45 9.04 2.41 29.87
CA PRO A 45 9.43 2.82 31.22
C PRO A 45 8.32 2.59 32.24
N GLY A 46 8.69 2.49 33.51
CA GLY A 46 7.69 2.38 34.55
C GLY A 46 6.94 3.69 34.75
N LYS A 47 5.74 3.56 35.29
CA LYS A 47 4.94 4.74 35.60
C LYS A 47 5.40 5.37 36.92
N LEU A 48 5.06 6.64 37.11
CA LEU A 48 5.52 7.37 38.27
C LEU A 48 4.36 7.86 39.14
N ASP A 49 3.49 6.94 39.54
CA ASP A 49 2.37 7.26 40.43
C ASP A 49 2.41 6.49 41.73
N SER A 50 2.87 5.24 41.71
CA SER A 50 2.94 4.43 42.92
C SER A 50 3.94 5.03 43.90
N ASP A 51 3.69 4.80 45.19
CA ASP A 51 4.55 5.35 46.22
C ASP A 51 5.94 4.74 46.20
N ASP A 52 6.08 3.52 45.70
CA ASP A 52 7.40 2.91 45.58
C ASP A 52 8.23 3.62 44.51
N ALA A 53 7.65 3.82 43.33
CA ALA A 53 8.35 4.51 42.27
C ALA A 53 8.52 6.00 42.57
N LEU A 54 7.53 6.60 43.23
CA LEU A 54 7.59 8.03 43.51
C LEU A 54 8.66 8.36 44.54
N ASN A 55 9.02 7.41 45.39
CA ASN A 55 10.00 7.63 46.45
C ASN A 55 11.38 7.08 46.11
N SER A 56 11.61 6.72 44.85
CA SER A 56 12.88 6.17 44.42
C SER A 56 13.62 7.17 43.55
N ASN A 57 14.95 7.06 43.54
CA ASN A 57 15.80 7.90 42.71
C ASN A 57 16.14 7.26 41.37
N ILE A 58 15.48 6.16 41.02
CA ILE A 58 15.77 5.42 39.80
C ILE A 58 14.48 5.28 39.01
N ILE A 59 14.54 5.63 37.72
CA ILE A 59 13.43 5.43 36.79
C ILE A 59 13.70 4.15 36.01
N PRO A 60 12.92 3.08 36.19
CA PRO A 60 13.19 1.83 35.48
C PRO A 60 12.58 1.81 34.09
N PHE A 61 13.22 1.04 33.21
CA PHE A 61 12.73 0.92 31.85
C PHE A 61 13.29 -0.35 31.21
N ASP A 62 12.56 -0.86 30.22
CA ASP A 62 13.06 -1.86 29.30
C ASP A 62 13.13 -1.28 27.91
N LEU A 63 13.92 -1.91 27.05
CA LEU A 63 14.10 -1.46 25.67
C LEU A 63 13.86 -2.64 24.74
N HIS A 64 12.78 -2.57 23.96
CA HIS A 64 12.41 -3.62 23.02
C HIS A 64 12.81 -3.23 21.61
N SER A 65 13.27 -4.22 20.83
CA SER A 65 13.68 -3.96 19.45
C SER A 65 13.33 -5.15 18.57
N TYR A 66 12.98 -4.85 17.33
CA TYR A 66 12.79 -5.85 16.29
C TYR A 66 13.65 -5.46 15.10
N MET A 67 14.45 -6.42 14.62
CA MET A 67 15.40 -6.17 13.54
C MET A 67 15.13 -7.16 12.42
N SER A 68 14.85 -6.65 11.23
CA SER A 68 14.47 -7.48 10.09
C SER A 68 15.66 -7.92 9.23
N GLY A 69 16.85 -7.38 9.48
CA GLY A 69 18.03 -7.77 8.72
C GLY A 69 19.27 -7.63 9.57
N ALA A 70 20.32 -8.32 9.15
CA ALA A 70 21.55 -8.33 9.90
C ALA A 70 22.21 -6.95 9.89
N ASN A 71 22.99 -6.67 10.93
CA ASN A 71 23.73 -5.43 11.04
C ASN A 71 25.02 -5.70 11.81
N SER A 72 25.98 -4.79 11.65
CA SER A 72 27.27 -4.94 12.31
C SER A 72 27.90 -3.55 12.45
N GLY A 73 29.09 -3.52 13.04
CA GLY A 73 29.89 -2.32 13.08
C GLY A 73 29.39 -1.28 14.07
N ASN A 74 30.04 -0.11 14.01
CA ASN A 74 29.75 1.01 14.89
C ASN A 74 28.88 2.07 14.22
N ARG A 75 28.30 1.77 13.07
CA ARG A 75 27.57 2.79 12.31
C ARG A 75 26.33 3.28 13.07
N TYR A 76 25.51 2.35 13.53
CA TYR A 76 24.21 2.69 14.10
C TYR A 76 24.27 2.77 15.62
N LYS A 77 23.61 3.80 16.16
CA LYS A 77 23.57 4.07 17.59
C LYS A 77 22.12 4.02 18.08
N ILE A 78 21.97 3.97 19.40
CA ILE A 78 20.67 4.08 20.06
C ILE A 78 20.69 5.34 20.92
N ASP A 79 19.74 6.24 20.66
CA ASP A 79 19.71 7.53 21.33
C ASP A 79 18.45 7.61 22.18
N LEU A 80 18.56 8.28 23.33
CA LEU A 80 17.46 8.42 24.28
C LEU A 80 17.40 9.88 24.73
N LYS A 81 16.43 10.62 24.20
CA LYS A 81 16.26 12.02 24.52
C LYS A 81 15.24 12.14 25.65
N LEU A 82 15.63 12.81 26.74
CA LEU A 82 14.79 12.94 27.92
C LEU A 82 14.37 14.39 28.13
N ASP A 83 13.24 14.57 28.82
CA ASP A 83 12.77 15.89 29.16
C ASP A 83 13.84 16.63 29.97
N PRO A 84 14.06 17.92 29.71
CA PRO A 84 15.12 18.64 30.44
C PRO A 84 14.90 18.66 31.94
N ILE A 85 13.66 18.52 32.41
CA ILE A 85 13.40 18.43 33.84
C ILE A 85 14.11 17.21 34.43
N ILE A 86 14.12 16.10 33.69
CA ILE A 86 14.77 14.89 34.17
C ILE A 86 16.26 14.87 33.82
N ALA A 87 16.60 15.28 32.60
CA ALA A 87 18.01 15.29 32.20
C ALA A 87 18.86 16.18 33.08
N GLU A 88 18.25 17.16 33.74
CA GLU A 88 18.99 18.00 34.68
C GLU A 88 19.55 17.19 35.83
N HIS A 89 18.87 16.11 36.22
CA HIS A 89 19.21 15.34 37.41
C HIS A 89 19.82 13.98 37.12
N VAL A 90 20.04 13.63 35.86
CA VAL A 90 20.53 12.30 35.51
C VAL A 90 22.03 12.22 35.80
N THR A 91 22.41 11.18 36.55
CA THR A 91 23.81 10.91 36.84
C THR A 91 24.37 9.69 36.13
N LYS A 92 23.51 8.72 35.79
CA LYS A 92 23.93 7.53 35.08
C LYS A 92 22.72 6.91 34.40
N ILE A 93 22.93 6.37 33.20
CA ILE A 93 21.90 5.62 32.49
C ILE A 93 22.54 4.34 31.96
N SER A 94 21.93 3.21 32.26
CA SER A 94 22.51 1.93 31.90
C SER A 94 21.41 0.90 31.69
N ALA A 95 21.77 -0.20 31.04
CA ALA A 95 20.84 -1.30 30.80
C ALA A 95 21.65 -2.52 30.38
N ASN A 96 21.08 -3.69 30.61
CA ASN A 96 21.75 -4.93 30.22
C ASN A 96 21.48 -5.20 28.74
N PRO A 97 22.51 -5.51 27.95
CA PRO A 97 22.27 -5.95 26.58
C PRO A 97 21.43 -7.22 26.54
N SER A 98 20.89 -7.52 25.35
CA SER A 98 20.01 -8.66 25.20
C SER A 98 20.73 -9.96 25.54
N GLY A 99 20.26 -10.63 26.59
CA GLY A 99 20.85 -11.89 26.99
C GLY A 99 22.10 -11.80 27.83
N SER A 100 22.33 -10.65 28.48
CA SER A 100 23.54 -10.44 29.27
C SER A 100 23.17 -10.03 30.69
N ASN A 101 24.16 -10.17 31.59
CA ASN A 101 24.02 -9.72 32.97
C ASN A 101 24.85 -8.48 33.27
N LYS A 102 25.80 -8.13 32.42
CA LYS A 102 26.66 -6.98 32.67
C LYS A 102 26.06 -5.74 32.02
N PRO A 103 25.73 -4.70 32.79
CA PRO A 103 25.14 -3.49 32.19
C PRO A 103 26.13 -2.75 31.32
N VAL A 104 25.56 -1.91 30.45
CA VAL A 104 26.33 -0.99 29.61
C VAL A 104 25.83 0.43 29.89
N GLU A 105 26.78 1.35 30.05
CA GLU A 105 26.45 2.72 30.43
C GLU A 105 26.22 3.58 29.20
N PHE A 106 25.16 4.38 29.24
CA PHE A 106 24.89 5.35 28.18
C PHE A 106 25.79 6.57 28.38
N VAL A 107 26.40 7.04 27.29
CA VAL A 107 27.27 8.20 27.34
C VAL A 107 26.48 9.41 26.86
N ARG A 108 26.51 10.49 27.63
CA ARG A 108 25.79 11.70 27.27
C ARG A 108 26.40 12.36 26.04
N ASN A 109 25.55 12.92 25.19
CA ASN A 109 25.97 13.48 23.92
C ASN A 109 26.38 14.94 24.08
N LYS A 110 27.39 15.35 23.33
CA LYS A 110 27.82 16.73 23.27
C LYS A 110 27.45 17.32 21.92
N ASP A 111 26.94 18.55 21.92
CA ASP A 111 26.48 19.20 20.70
C ASP A 111 27.67 19.69 19.88
N GLU A 112 27.40 20.54 18.89
CA GLU A 112 28.45 21.00 17.98
C GLU A 112 29.52 21.78 18.72
N ASN A 113 29.12 22.70 19.61
CA ASN A 113 30.07 23.59 20.26
C ASN A 113 30.65 23.03 21.55
N GLY A 114 29.98 22.05 22.17
CA GLY A 114 30.55 21.38 23.32
C GLY A 114 29.70 21.27 24.57
N ASN A 115 28.49 21.81 24.55
CA ASN A 115 27.60 21.64 25.70
C ASN A 115 26.96 20.26 25.68
N LEU A 116 26.26 19.94 26.77
CA LEU A 116 25.65 18.63 26.94
C LEU A 116 24.18 18.71 26.54
N THR A 117 23.78 17.88 25.57
CA THR A 117 22.38 17.76 25.20
C THR A 117 21.64 16.95 26.25
N ASP A 118 20.32 16.81 26.06
CA ASP A 118 19.50 15.96 26.90
C ASP A 118 19.30 14.58 26.29
N THR A 119 20.19 14.14 25.41
CA THR A 119 20.10 12.84 24.76
C THR A 119 21.33 12.01 25.12
N TRP A 120 21.08 10.79 25.61
CA TRP A 120 22.14 9.83 25.87
C TRP A 120 22.21 8.83 24.71
N GLU A 121 23.39 8.28 24.49
CA GLU A 121 23.64 7.48 23.30
C GLU A 121 24.47 6.26 23.65
N VAL A 122 24.08 5.11 23.09
CA VAL A 122 24.83 3.87 23.20
C VAL A 122 24.86 3.19 21.84
N ASN A 123 25.91 2.43 21.59
CA ASN A 123 26.00 1.66 20.35
C ASN A 123 24.86 0.65 20.26
N PHE A 124 24.46 0.33 19.03
CA PHE A 124 23.40 -0.66 18.83
C PHE A 124 23.95 -2.08 18.88
N ILE A 125 24.93 -2.38 18.01
CA ILE A 125 25.42 -3.75 17.89
C ILE A 125 26.08 -4.18 19.18
N ARG A 126 25.64 -5.32 19.72
CA ARG A 126 26.11 -5.78 21.02
C ARG A 126 27.61 -6.04 21.01
N ALA A 127 28.13 -6.58 19.91
CA ALA A 127 29.55 -6.92 19.83
C ALA A 127 30.45 -5.70 19.88
N ASN A 128 29.88 -4.50 19.65
CA ASN A 128 30.65 -3.27 19.73
C ASN A 128 30.19 -2.45 20.93
N ASP A 129 30.19 -3.08 22.11
CA ASP A 129 29.75 -2.45 23.36
C ASP A 129 28.32 -1.89 23.22
N GLY A 130 27.45 -2.69 22.62
CA GLY A 130 26.07 -2.27 22.40
C GLY A 130 25.05 -3.06 23.19
N LEU A 131 23.84 -3.16 22.64
CA LEU A 131 22.73 -3.78 23.35
C LEU A 131 22.12 -4.98 22.64
N PHE A 132 22.17 -5.03 21.31
CA PHE A 132 21.47 -6.07 20.56
C PHE A 132 22.42 -6.75 19.58
N GLY A 133 22.23 -8.06 19.40
CA GLY A 133 23.13 -8.83 18.57
C GLY A 133 22.86 -8.59 17.08
N GLY A 134 23.94 -8.55 16.31
CA GLY A 134 23.85 -8.27 14.89
C GLY A 134 23.21 -9.36 14.06
N ALA A 135 23.05 -10.57 14.61
CA ALA A 135 22.44 -11.67 13.89
C ALA A 135 21.10 -12.11 14.46
N GLU A 136 20.67 -11.55 15.59
CA GLU A 136 19.41 -11.91 16.22
C GLU A 136 18.27 -11.17 15.53
N ILE A 137 17.86 -11.71 14.38
CA ILE A 137 16.86 -11.06 13.53
C ILE A 137 15.55 -11.84 13.60
N LEU A 138 14.48 -11.18 13.16
CA LEU A 138 13.16 -11.80 13.02
C LEU A 138 12.65 -12.34 14.35
N SER A 139 12.85 -11.58 15.42
CA SER A 139 12.34 -11.92 16.75
C SER A 139 12.50 -10.70 17.65
N GLN A 140 11.62 -10.61 18.65
CA GLN A 140 11.70 -9.51 19.60
C GLN A 140 12.77 -9.78 20.63
N TYR A 141 13.64 -8.80 20.85
CA TYR A 141 14.68 -8.90 21.85
C TYR A 141 14.64 -7.66 22.74
N THR A 142 14.95 -7.86 24.02
CA THR A 142 14.76 -6.83 25.02
C THR A 142 16.05 -6.59 25.79
N ALA A 143 16.34 -5.32 26.04
CA ALA A 143 17.40 -4.89 26.95
C ALA A 143 16.76 -4.59 28.29
N LYS A 144 17.05 -5.41 29.29
CA LYS A 144 16.34 -5.37 30.56
C LYS A 144 17.17 -4.67 31.64
N ASN A 145 16.51 -4.43 32.78
CA ASN A 145 17.13 -3.77 33.94
C ASN A 145 17.72 -2.41 33.56
N GLY A 146 16.93 -1.63 32.81
CA GLY A 146 17.34 -0.29 32.49
C GLY A 146 17.10 0.65 33.65
N LYS A 147 18.11 1.44 34.00
CA LYS A 147 18.06 2.31 35.16
C LYS A 147 18.47 3.72 34.75
N ILE A 148 17.57 4.68 34.95
CA ILE A 148 17.89 6.09 34.83
C ILE A 148 18.16 6.57 36.26
N GLU A 149 19.42 6.56 36.65
CA GLU A 149 19.81 6.92 38.00
C GLU A 149 19.88 8.44 38.12
N LEU A 150 19.08 9.01 39.02
CA LEU A 150 19.02 10.43 39.24
C LEU A 150 19.74 10.83 40.52
N ASP A 151 20.02 12.12 40.65
CA ASP A 151 20.61 12.68 41.87
C ASP A 151 19.56 13.10 42.89
N ASP A 152 18.33 12.60 42.76
CA ASP A 152 17.23 12.96 43.64
C ASP A 152 16.09 12.00 43.36
N THR A 153 15.12 11.96 44.28
CA THR A 153 13.96 11.12 44.09
C THR A 153 13.01 11.77 43.10
N VAL A 154 12.31 10.94 42.33
CA VAL A 154 11.40 11.46 41.30
C VAL A 154 10.29 12.27 41.93
N GLY A 155 9.89 11.93 43.17
CA GLY A 155 8.84 12.69 43.83
C GLY A 155 9.24 14.12 44.09
N ASN A 156 10.51 14.35 44.43
CA ASN A 156 10.99 15.71 44.65
C ASN A 156 11.04 16.50 43.34
N ILE A 157 11.40 15.83 42.23
CA ILE A 157 11.48 16.53 40.95
C ILE A 157 10.09 16.84 40.42
N ILE A 158 9.13 15.91 40.63
CA ILE A 158 7.78 16.13 40.14
C ILE A 158 7.14 17.31 40.85
N SER A 159 7.39 17.45 42.16
CA SER A 159 6.84 18.55 42.93
C SER A 159 7.58 19.87 42.71
N ASN A 160 8.74 19.83 42.05
CA ASN A 160 9.49 21.04 41.72
C ASN A 160 9.60 21.22 40.21
N ALA A 161 8.59 20.76 39.47
CA ALA A 161 8.59 20.87 38.02
C ALA A 161 7.44 21.68 37.45
N GLY A 162 6.41 21.96 38.24
CA GLY A 162 5.29 22.74 37.77
C GLY A 162 4.08 21.89 37.43
N ASN A 163 3.17 22.51 36.68
CA ASN A 163 1.93 21.85 36.29
C ASN A 163 2.22 20.91 35.12
N LEU A 164 2.11 19.61 35.37
CA LEU A 164 2.30 18.58 34.34
C LEU A 164 0.97 18.15 33.73
N SER A 165 0.02 19.06 33.58
CA SER A 165 -1.25 18.75 32.94
C SER A 165 -1.26 19.09 31.46
N ASN A 166 -0.39 19.99 31.01
CA ASN A 166 -0.21 20.27 29.60
C ASN A 166 1.17 19.85 29.12
N ASN A 167 2.23 20.45 29.67
CA ASN A 167 3.58 19.95 29.41
C ASN A 167 3.81 18.67 30.19
N LYS A 168 4.26 17.64 29.49
CA LYS A 168 4.56 16.36 30.11
C LYS A 168 6.07 16.16 30.17
N LEU A 169 6.49 15.10 30.87
CA LEU A 169 7.89 14.71 30.92
C LEU A 169 8.17 13.88 29.68
N ASN A 170 8.52 14.57 28.59
CA ASN A 170 8.65 13.92 27.30
C ASN A 170 9.89 13.03 27.26
N HIS A 171 9.81 11.95 26.48
CA HIS A 171 10.94 11.09 26.20
C HIS A 171 10.87 10.65 24.74
N GLN A 172 12.03 10.28 24.19
CA GLN A 172 12.11 9.87 22.80
C GLN A 172 13.30 8.93 22.61
N VAL A 173 13.12 7.92 21.78
CA VAL A 173 14.17 6.95 21.47
C VAL A 173 14.15 6.67 19.97
N PHE A 174 15.34 6.47 19.40
CA PHE A 174 15.45 6.18 17.98
C PHE A 174 16.85 5.63 17.70
N VAL A 175 16.99 5.01 16.53
CA VAL A 175 18.28 4.60 16.01
C VAL A 175 18.84 5.75 15.18
N ARG A 176 20.13 6.04 15.38
CA ARG A 176 20.81 7.12 14.66
C ARG A 176 21.82 6.52 13.69
N ASP A 177 21.77 6.97 12.44
CA ASP A 177 22.79 6.63 11.45
C ASP A 177 23.94 7.62 11.63
N SER A 178 25.03 7.16 12.25
CA SER A 178 26.13 8.06 12.56
C SER A 178 26.90 8.48 11.31
N ARG A 179 26.72 7.77 10.20
CA ARG A 179 27.40 8.14 8.96
C ARG A 179 26.78 9.38 8.34
N GLU A 180 25.47 9.56 8.50
CA GLU A 180 24.75 10.69 7.93
C GLU A 180 24.08 11.58 8.97
N ASN A 181 24.18 11.23 10.25
CA ASN A 181 23.57 11.98 11.35
C ASN A 181 22.08 12.19 11.12
N LYS A 182 21.38 11.10 10.86
CA LYS A 182 19.94 11.12 10.62
C LYS A 182 19.25 10.07 11.48
N ILE A 183 17.98 10.34 11.79
CA ILE A 183 17.14 9.39 12.52
C ILE A 183 16.63 8.33 11.56
N VAL A 184 16.76 7.07 11.95
CA VAL A 184 16.15 5.98 11.17
C VAL A 184 14.64 6.04 11.36
N ARG A 185 13.91 6.23 10.26
CA ARG A 185 12.51 6.62 10.34
C ARG A 185 11.66 5.57 11.05
N THR A 186 11.90 4.29 10.76
CA THR A 186 11.07 3.23 11.31
C THR A 186 11.38 2.90 12.76
N SER A 187 12.43 3.49 13.34
CA SER A 187 12.83 3.19 14.71
C SER A 187 12.39 4.24 15.70
N GLU A 188 11.86 5.38 15.25
CA GLU A 188 11.44 6.43 16.18
C GLU A 188 10.25 6.00 17.01
N SER A 189 10.32 6.28 18.31
CA SER A 189 9.20 6.10 19.22
C SER A 189 9.35 7.13 20.33
N SER A 190 8.23 7.72 20.74
CA SER A 190 8.25 8.78 21.74
C SER A 190 7.16 8.49 22.77
N GLY A 191 6.79 9.52 23.51
CA GLY A 191 5.82 9.41 24.58
C GLY A 191 6.25 10.23 25.77
N TYR A 192 5.59 10.01 26.89
CA TYR A 192 5.93 10.75 28.12
C TYR A 192 5.67 9.86 29.32
N PHE A 193 6.39 10.15 30.39
CA PHE A 193 6.20 9.42 31.64
C PHE A 193 4.88 9.81 32.29
N LEU A 194 4.19 8.82 32.82
CA LEU A 194 2.89 9.06 33.46
C LEU A 194 3.09 9.52 34.89
N THR A 195 2.41 10.60 35.26
CA THR A 195 2.37 11.10 36.63
C THR A 195 0.92 11.11 37.10
N LYS A 196 0.72 11.52 38.36
CA LYS A 196 -0.64 11.62 38.89
C LYS A 196 -1.44 12.74 38.23
N ALA A 197 -0.79 13.63 37.48
CA ALA A 197 -1.52 14.61 36.69
C ALA A 197 -2.21 13.98 35.49
N ASP A 198 -1.74 12.81 35.04
CA ASP A 198 -2.40 12.02 34.01
C ASP A 198 -3.35 10.99 34.62
N ASP A 199 -4.26 11.48 35.46
CA ASP A 199 -5.08 10.60 36.29
C ASP A 199 -5.85 9.57 35.45
N ASP A 200 -6.40 10.00 34.31
CA ASP A 200 -7.19 9.08 33.50
C ASP A 200 -6.35 7.93 32.97
N LEU A 201 -5.20 8.24 32.36
CA LEU A 201 -4.35 7.18 31.81
C LEU A 201 -3.82 6.28 32.91
N VAL A 202 -3.43 6.86 34.05
CA VAL A 202 -2.91 6.07 35.16
C VAL A 202 -3.99 5.15 35.72
N ASN A 203 -5.26 5.54 35.60
CA ASN A 203 -6.34 4.70 36.08
C ASN A 203 -6.40 3.38 35.31
N LEU A 204 -6.26 3.44 33.99
CA LEU A 204 -6.44 2.24 33.19
C LEU A 204 -5.27 1.27 33.31
N GLU A 205 -4.08 1.76 33.66
CA GLU A 205 -2.94 0.87 33.87
C GLU A 205 -2.92 0.34 35.30
N ASN A 206 -3.96 0.62 36.09
CA ASN A 206 -4.12 0.02 37.40
C ASN A 206 -5.29 -0.95 37.47
N ASN A 207 -6.29 -0.77 36.61
CA ASN A 207 -7.41 -1.70 36.50
C ASN A 207 -7.41 -2.31 35.10
N VAL A 208 -6.33 -3.00 34.75
CA VAL A 208 -6.20 -3.61 33.43
C VAL A 208 -7.25 -4.71 33.27
N SER A 209 -7.79 -4.82 32.06
CA SER A 209 -8.77 -5.86 31.75
C SER A 209 -8.14 -7.24 31.83
N THR A 210 -9.00 -8.25 31.81
CA THR A 210 -8.56 -9.64 31.83
C THR A 210 -8.81 -10.36 30.52
N GLU A 211 -9.27 -9.64 29.48
CA GLU A 211 -9.67 -10.29 28.24
C GLU A 211 -8.47 -10.90 27.51
N ASN A 212 -7.37 -10.17 27.43
CA ASN A 212 -6.19 -10.66 26.72
C ASN A 212 -4.94 -10.06 27.36
N ASN A 213 -4.75 -10.32 28.64
CA ASN A 213 -3.56 -9.83 29.35
C ASN A 213 -2.27 -10.51 28.91
N ASN A 214 -2.35 -11.49 27.99
N ASN A 214 -2.34 -11.47 27.99
CA ASN A 214 -1.21 -12.24 27.52
CA ASN A 214 -1.15 -12.18 27.54
C ASN A 214 -0.78 -11.87 26.10
C ASN A 214 -0.91 -12.05 26.04
N ALA A 215 -1.60 -11.11 25.37
CA ALA A 215 -1.42 -11.00 23.93
C ALA A 215 -0.23 -10.10 23.57
N PHE A 216 -0.06 -8.99 24.28
CA PHE A 216 0.84 -7.93 23.84
C PHE A 216 1.93 -7.67 24.87
N LYS A 217 3.12 -7.34 24.37
CA LYS A 217 4.30 -7.12 25.20
C LYS A 217 4.42 -5.66 25.64
N ALA A 218 4.38 -4.73 24.69
CA ALA A 218 4.51 -3.32 24.99
C ALA A 218 3.97 -2.53 23.81
N SER A 219 3.80 -1.22 24.01
CA SER A 219 3.24 -0.37 22.98
C SER A 219 3.75 1.05 23.15
N SER A 220 4.24 1.64 22.07
CA SER A 220 4.71 3.01 22.07
C SER A 220 4.20 3.70 20.82
N GLY A 221 4.21 5.04 20.86
CA GLY A 221 3.74 5.85 19.77
C GLY A 221 4.84 6.68 19.13
N SER A 222 4.46 7.36 18.05
CA SER A 222 5.37 8.21 17.31
C SER A 222 4.56 9.21 16.51
N ALA A 223 5.01 10.46 16.51
CA ALA A 223 4.31 11.55 15.82
C ALA A 223 5.28 12.28 14.90
N THR A 224 4.87 12.46 13.65
CA THR A 224 5.69 13.16 12.68
C THR A 224 4.80 14.10 11.86
N TYR A 225 5.45 15.03 11.17
CA TYR A 225 4.77 15.94 10.25
C TYR A 225 4.86 15.40 8.82
N ASN A 226 3.76 15.51 8.09
CA ASN A 226 3.69 15.02 6.71
C ASN A 226 3.00 16.06 5.85
N GLU A 227 3.74 16.60 4.88
CA GLU A 227 3.22 17.67 4.04
C GLU A 227 2.28 17.18 2.94
N ASN A 228 2.24 15.87 2.67
CA ASN A 228 1.40 15.35 1.61
C ASN A 228 -0.05 15.13 2.05
N VAL A 229 -0.36 15.33 3.32
CA VAL A 229 -1.70 15.09 3.85
C VAL A 229 -2.60 16.27 3.54
N GLY A 230 -3.67 16.01 2.78
CA GLY A 230 -4.68 17.04 2.54
C GLY A 230 -4.14 18.22 1.76
N GLU A 231 -4.64 19.41 2.11
CA GLU A 231 -4.28 20.64 1.43
C GLU A 231 -3.33 21.53 2.21
N PHE A 232 -3.19 21.31 3.52
CA PHE A 232 -2.33 22.13 4.36
C PHE A 232 -1.26 21.32 5.07
N GLY A 233 -1.07 20.05 4.70
CA GLY A 233 -0.18 19.18 5.44
C GLY A 233 -0.93 18.46 6.54
N GLY A 234 -0.20 17.57 7.23
CA GLY A 234 -0.85 16.79 8.26
C GLY A 234 0.15 16.24 9.26
N ILE A 235 -0.42 15.65 10.32
CA ILE A 235 0.36 15.04 11.40
C ILE A 235 -0.04 13.57 11.48
N LEU A 236 0.96 12.70 11.55
CA LEU A 236 0.75 11.26 11.58
C LEU A 236 1.11 10.73 12.96
N ILE A 237 0.17 10.03 13.58
CA ILE A 237 0.40 9.33 14.84
C ILE A 237 0.40 7.84 14.52
N ASP A 238 1.57 7.23 14.60
CA ASP A 238 1.74 5.82 14.30
C ASP A 238 2.03 5.09 15.61
N GLN A 239 1.03 4.37 16.12
CA GLN A 239 1.18 3.58 17.33
C GLN A 239 1.41 2.12 16.95
N GLN A 240 2.49 1.54 17.46
CA GLN A 240 2.76 0.12 17.30
C GLN A 240 2.52 -0.60 18.61
N ILE A 241 2.09 -1.86 18.50
CA ILE A 241 1.81 -2.72 19.64
C ILE A 241 2.47 -4.06 19.38
N MET A 242 3.56 -4.33 20.10
CA MET A 242 4.27 -5.59 19.90
C MET A 242 3.48 -6.77 20.45
N LYS A 243 3.60 -7.91 19.77
CA LYS A 243 2.86 -9.11 20.11
C LYS A 243 3.72 -10.06 20.91
N ASN A 244 3.13 -10.66 21.96
CA ASN A 244 3.84 -11.70 22.70
C ASN A 244 3.86 -13.01 21.96
N GLY A 245 2.82 -13.30 21.17
CA GLY A 245 2.76 -14.50 20.37
C GLY A 245 2.17 -14.25 19.00
N ILE A 246 1.15 -15.04 18.62
CA ILE A 246 0.47 -14.85 17.34
C ILE A 246 -1.00 -14.55 17.57
N PHE A 247 -1.28 -13.39 18.18
CA PHE A 247 -2.63 -13.01 18.52
C PHE A 247 -3.51 -12.93 17.28
N SER A 248 -4.78 -13.29 17.45
CA SER A 248 -5.78 -13.20 16.38
C SER A 248 -7.05 -12.63 16.99
N TYR A 249 -7.59 -11.59 16.37
CA TYR A 249 -8.75 -10.88 16.90
C TYR A 249 -10.02 -11.47 16.31
N SER A 250 -10.80 -12.16 17.14
CA SER A 250 -12.10 -12.69 16.75
C SER A 250 -13.02 -12.60 17.96
N LYS A 251 -13.97 -11.66 17.93
CA LYS A 251 -14.91 -11.46 19.03
C LYS A 251 -16.33 -11.37 18.49
N THR A 252 -17.29 -11.72 19.33
CA THR A 252 -18.69 -11.55 18.96
C THR A 252 -19.03 -10.06 18.90
N LYS A 253 -20.20 -9.76 18.31
CA LYS A 253 -20.60 -8.38 18.15
C LYS A 253 -20.81 -7.68 19.48
N ALA A 254 -21.17 -8.44 20.52
CA ALA A 254 -21.39 -7.86 21.84
C ALA A 254 -20.12 -7.75 22.66
N ASN A 255 -19.00 -8.31 22.19
CA ASN A 255 -17.73 -8.25 22.92
C ASN A 255 -16.66 -7.49 22.14
N GLN A 256 -17.05 -6.73 21.12
CA GLN A 256 -16.09 -6.01 20.31
C GLN A 256 -15.35 -4.96 21.13
N TRP A 257 -14.06 -4.83 20.89
CA TRP A 257 -13.25 -3.82 21.56
C TRP A 257 -13.52 -2.45 20.95
N ALA A 258 -12.84 -1.44 21.50
CA ALA A 258 -12.90 -0.09 20.98
C ALA A 258 -11.51 0.52 21.05
N TYR A 259 -11.20 1.36 20.07
CA TYR A 259 -9.94 2.10 20.03
C TYR A 259 -10.17 3.50 20.59
N ASN A 260 -9.39 3.86 21.60
CA ASN A 260 -9.53 5.15 22.27
C ASN A 260 -8.30 6.00 21.97
N TYR A 261 -8.53 7.26 21.61
CA TYR A 261 -7.47 8.18 21.25
C TYR A 261 -7.71 9.52 21.94
N GLN A 262 -6.62 10.23 22.22
CA GLN A 262 -6.69 11.57 22.79
C GLN A 262 -5.66 12.44 22.09
N ILE A 263 -6.14 13.50 21.45
CA ILE A 263 -5.31 14.46 20.73
C ILE A 263 -5.06 15.67 21.62
N ASP A 264 -3.87 16.26 21.48
CA ASP A 264 -3.53 17.43 22.28
C ASP A 264 -4.51 18.56 22.04
N LYS A 265 -5.09 19.09 23.11
CA LYS A 265 -6.04 20.20 23.01
C LYS A 265 -5.39 21.44 22.41
N ASP A 266 -4.07 21.58 22.52
CA ASP A 266 -3.36 22.73 21.99
C ASP A 266 -3.31 22.75 20.47
N LEU A 267 -3.78 21.69 19.81
CA LEU A 267 -3.72 21.59 18.36
C LEU A 267 -5.09 21.68 17.69
N LEU A 268 -6.18 21.69 18.46
CA LEU A 268 -7.51 21.72 17.86
C LEU A 268 -7.78 22.94 16.99
N PRO A 269 -7.33 24.16 17.34
CA PRO A 269 -7.52 25.28 16.41
C PRO A 269 -6.96 25.04 15.03
N TYR A 270 -5.93 24.21 14.89
CA TYR A 270 -5.28 24.01 13.60
C TYR A 270 -5.70 22.73 12.88
N ILE A 271 -6.63 21.97 13.44
CA ILE A 271 -7.01 20.67 12.88
C ILE A 271 -8.31 20.83 12.09
N GLU A 272 -8.27 20.46 10.81
CA GLU A 272 -9.49 20.43 10.01
C GLU A 272 -10.29 19.16 10.27
N GLY A 273 -9.62 18.03 10.39
CA GLY A 273 -10.30 16.77 10.63
C GLY A 273 -9.31 15.69 10.99
N VAL A 274 -9.83 14.64 11.61
CA VAL A 274 -9.03 13.51 12.07
C VAL A 274 -9.59 12.22 11.49
N GLU A 275 -8.70 11.39 10.93
CA GLU A 275 -9.07 10.15 10.28
C GLU A 275 -8.30 8.98 10.89
N LEU A 276 -8.83 7.79 10.72
CA LEU A 276 -8.19 6.56 11.16
C LEU A 276 -7.74 5.79 9.92
N HIS A 277 -6.46 5.45 9.86
CA HIS A 277 -5.87 4.79 8.71
C HIS A 277 -5.45 3.37 9.06
N GLN A 278 -5.38 2.51 8.05
CA GLN A 278 -4.83 1.18 8.23
C GLN A 278 -3.31 1.25 8.25
N TYR A 279 -2.69 0.44 9.10
CA TYR A 279 -1.24 0.45 9.33
C TYR A 279 -0.77 -1.00 9.32
N ASP A 280 -0.54 -1.53 8.13
CA ASP A 280 -0.26 -2.95 7.96
C ASP A 280 1.23 -3.21 8.12
N TYR A 281 1.57 -4.19 8.96
CA TYR A 281 2.94 -4.69 9.08
C TYR A 281 3.19 -5.63 7.91
N LYS A 282 3.93 -5.14 6.92
CA LYS A 282 4.07 -5.83 5.63
C LYS A 282 5.20 -6.85 5.68
N GLY A 283 5.11 -7.75 6.65
CA GLY A 283 6.05 -8.86 6.73
C GLY A 283 7.45 -8.37 7.06
N LEU A 284 8.44 -8.83 6.28
CA LEU A 284 9.81 -8.43 6.50
C LEU A 284 10.04 -6.95 6.24
N ASN A 285 9.14 -6.29 5.52
CA ASN A 285 9.29 -4.87 5.23
C ASN A 285 8.81 -3.98 6.38
N GLY A 286 8.10 -4.55 7.36
CA GLY A 286 7.64 -3.75 8.49
C GLY A 286 6.53 -2.81 8.09
N PHE A 287 6.54 -1.61 8.67
CA PHE A 287 5.52 -0.61 8.41
C PHE A 287 5.95 0.31 7.27
N ASP A 288 5.00 0.62 6.39
CA ASP A 288 5.21 1.66 5.39
C ASP A 288 4.95 3.01 6.06
N LYS A 289 5.99 3.81 6.19
CA LYS A 289 5.87 5.08 6.90
C LYS A 289 5.28 6.19 6.03
N ASN A 290 5.08 5.94 4.74
CA ASN A 290 4.51 6.96 3.87
C ASN A 290 3.02 7.15 4.13
N TYR A 291 2.52 8.32 3.77
CA TYR A 291 1.10 8.60 3.83
C TYR A 291 0.43 8.09 2.58
N ASP A 292 -0.75 7.48 2.74
CA ASP A 292 -1.53 6.95 1.62
C ASP A 292 -3.00 7.17 1.96
N ALA A 293 -3.61 8.16 1.31
CA ALA A 293 -5.01 8.48 1.57
C ALA A 293 -5.94 7.31 1.25
N LYS A 294 -5.49 6.35 0.43
CA LYS A 294 -6.31 5.19 0.13
C LYS A 294 -6.47 4.26 1.34
N ASN A 295 -5.62 4.42 2.36
CA ASN A 295 -5.64 3.56 3.54
C ASN A 295 -6.62 4.04 4.60
N LYS A 296 -7.35 5.13 4.35
CA LYS A 296 -8.32 5.63 5.31
C LYS A 296 -9.46 4.64 5.47
N VAL A 297 -9.85 4.37 6.71
CA VAL A 297 -10.92 3.41 7.00
C VAL A 297 -12.05 4.01 7.82
N ALA A 298 -11.89 5.20 8.38
CA ALA A 298 -12.93 5.78 9.21
C ALA A 298 -12.63 7.26 9.44
N ASP A 299 -13.68 8.00 9.77
CA ASP A 299 -13.57 9.38 10.22
C ASP A 299 -13.76 9.40 11.73
N LEU A 300 -12.76 9.90 12.45
CA LEU A 300 -12.79 9.91 13.91
C LEU A 300 -13.44 11.19 14.41
N THR A 301 -14.17 11.06 15.52
CA THR A 301 -14.83 12.19 16.16
C THR A 301 -14.17 12.47 17.51
N ILE A 302 -14.03 13.75 17.84
CA ILE A 302 -13.36 14.17 19.06
C ILE A 302 -14.22 15.21 19.77
N ASP A 303 -13.99 15.34 21.08
CA ASP A 303 -14.70 16.31 21.90
C ASP A 303 -13.83 17.56 22.08
N GLU A 304 -14.16 18.38 23.08
CA GLU A 304 -13.47 19.66 23.27
C GLU A 304 -12.10 19.47 23.91
N VAL A 305 -11.92 18.42 24.71
CA VAL A 305 -10.62 18.15 25.33
C VAL A 305 -9.72 17.34 24.43
N GLY A 306 -10.22 16.88 23.28
CA GLY A 306 -9.41 16.16 22.31
C GLY A 306 -9.50 14.65 22.39
N ASN A 307 -10.43 14.10 23.16
CA ASN A 307 -10.56 12.67 23.34
C ASN A 307 -11.65 12.12 22.42
N GLY A 308 -11.59 10.82 22.18
CA GLY A 308 -12.55 10.17 21.32
C GLY A 308 -12.39 8.67 21.36
N THR A 309 -13.34 7.98 20.75
CA THR A 309 -13.34 6.53 20.71
C THR A 309 -14.03 6.08 19.42
N ILE A 310 -13.77 4.84 19.04
CA ILE A 310 -14.33 4.28 17.81
C ILE A 310 -14.43 2.77 17.99
N THR A 311 -15.52 2.20 17.48
CA THR A 311 -15.73 0.75 17.55
C THR A 311 -16.47 0.31 16.29
N SER A 312 -16.81 -0.98 16.24
CA SER A 312 -17.49 -1.56 15.09
C SER A 312 -17.99 -2.94 15.47
N ASP A 313 -18.85 -3.51 14.62
CA ASP A 313 -19.29 -4.89 14.82
C ASP A 313 -18.18 -5.88 14.49
N ASN A 314 -17.15 -5.44 13.78
CA ASN A 314 -15.95 -6.24 13.56
C ASN A 314 -14.77 -5.28 13.46
N LEU A 315 -13.99 -5.19 14.55
CA LEU A 315 -12.84 -4.28 14.57
C LEU A 315 -11.76 -4.66 13.56
N ASN A 316 -11.82 -5.86 12.98
CA ASN A 316 -10.90 -6.20 11.91
C ASN A 316 -11.04 -5.28 10.71
N LYS A 317 -12.15 -4.53 10.62
CA LYS A 317 -12.34 -3.57 9.53
C LYS A 317 -11.45 -2.35 9.71
N LEU A 318 -11.14 -1.98 10.96
CA LEU A 318 -10.43 -0.74 11.25
C LEU A 318 -8.99 -0.94 11.69
N ILE A 319 -8.62 -2.13 12.16
CA ILE A 319 -7.28 -2.41 12.65
C ILE A 319 -6.75 -3.65 11.94
N GLU A 320 -5.61 -3.49 11.27
CA GLU A 320 -4.89 -4.64 10.70
C GLU A 320 -4.13 -5.31 11.83
N PHE A 321 -4.79 -6.28 12.47
CA PHE A 321 -4.20 -6.98 13.60
C PHE A 321 -3.15 -8.01 13.19
N ASN A 322 -2.98 -8.25 11.90
CA ASN A 322 -2.10 -9.30 11.40
C ASN A 322 -2.40 -10.62 12.09
N ASN A 323 -3.65 -11.07 11.91
CA ASN A 323 -4.17 -12.21 12.65
C ASN A 323 -3.35 -13.46 12.40
N ALA A 324 -3.15 -14.25 13.45
CA ALA A 324 -2.42 -15.52 13.42
C ALA A 324 -0.96 -15.37 13.02
N LEU A 325 -0.46 -14.13 12.91
CA LEU A 325 0.93 -13.87 12.56
C LEU A 325 1.63 -13.17 13.72
N PRO A 326 2.96 -13.35 13.84
CA PRO A 326 3.69 -12.67 14.92
C PRO A 326 4.17 -11.28 14.50
N GLU A 327 3.32 -10.54 13.79
CA GLU A 327 3.67 -9.22 13.30
C GLU A 327 3.16 -8.15 14.25
N THR A 328 3.96 -7.10 14.44
CA THR A 328 3.58 -5.99 15.30
C THR A 328 2.29 -5.35 14.79
N VAL A 329 1.39 -5.03 15.72
CA VAL A 329 0.12 -4.39 15.39
C VAL A 329 0.33 -2.89 15.32
N GLY A 330 -0.18 -2.27 14.26
CA GLY A 330 -0.03 -0.84 14.06
C GLY A 330 -1.37 -0.16 13.85
N VAL A 331 -1.45 1.08 14.34
CA VAL A 331 -2.62 1.92 14.17
C VAL A 331 -2.14 3.32 13.83
N ARG A 332 -2.68 3.89 12.75
CA ARG A 332 -2.30 5.23 12.32
C ARG A 332 -3.47 6.19 12.45
N VAL A 333 -3.21 7.35 13.06
CA VAL A 333 -4.16 8.43 13.18
C VAL A 333 -3.60 9.63 12.42
N VAL A 334 -4.44 10.25 11.59
CA VAL A 334 -4.01 11.35 10.72
C VAL A 334 -4.75 12.61 11.15
N LEU A 335 -3.99 13.70 11.31
CA LEU A 335 -4.54 15.01 11.63
C LEU A 335 -4.38 15.92 10.42
N LYS A 336 -5.48 16.22 9.74
CA LYS A 336 -5.47 17.10 8.58
C LYS A 336 -5.60 18.54 9.07
N LEU A 337 -4.59 19.36 8.78
CA LEU A 337 -4.58 20.75 9.23
C LEU A 337 -5.45 21.63 8.35
N ASN A 338 -5.89 22.75 8.93
CA ASN A 338 -6.65 23.76 8.20
C ASN A 338 -5.83 24.98 7.81
N LYS A 339 -4.69 25.21 8.46
CA LYS A 339 -3.73 26.21 8.06
C LYS A 339 -2.37 25.55 7.86
N SER A 340 -1.43 26.33 7.31
CA SER A 340 -0.06 25.85 7.21
C SER A 340 0.51 25.58 8.60
N VAL A 341 1.37 24.57 8.68
CA VAL A 341 1.92 24.17 9.98
C VAL A 341 2.77 25.28 10.58
N ASN A 342 3.30 26.18 9.76
CA ASN A 342 4.11 27.28 10.27
C ASN A 342 3.29 28.30 11.05
N ASN A 343 1.96 28.20 11.02
CA ASN A 343 1.11 29.11 11.75
C ASN A 343 1.01 28.78 13.24
N ILE A 344 1.67 27.72 13.70
CA ILE A 344 1.53 27.30 15.09
C ILE A 344 2.48 28.08 15.99
N LEU A 345 3.78 28.00 15.70
CA LEU A 345 4.76 28.74 16.49
C LEU A 345 4.72 30.23 16.20
N THR A 346 4.17 30.63 15.04
CA THR A 346 4.08 32.03 14.67
C THR A 346 2.78 32.69 15.10
N LYS A 347 1.93 31.99 15.83
CA LYS A 347 0.78 32.65 16.43
C LYS A 347 1.26 33.68 17.45
N ASP A 348 0.52 34.78 17.56
CA ASP A 348 0.89 35.96 18.37
C ASP A 348 2.35 36.35 18.17
N ALA A 349 2.80 36.33 16.91
CA ALA A 349 4.09 36.87 16.52
C ALA A 349 3.90 38.24 15.87
N LYS A 350 5.02 38.91 15.61
CA LYS A 350 4.99 40.28 15.13
C LYS A 350 5.77 40.39 13.82
N TYR A 351 5.31 41.31 12.96
CA TYR A 351 5.91 41.56 11.66
C TYR A 351 6.20 43.04 11.52
N ASP A 352 6.95 43.38 10.47
CA ASP A 352 7.45 44.74 10.27
C ASP A 352 6.53 45.50 9.29
N SER A 353 7.01 46.62 8.77
CA SER A 353 6.24 47.39 7.80
C SER A 353 6.06 46.62 6.49
N GLU A 354 7.11 45.95 6.02
CA GLU A 354 7.03 45.17 4.79
C GLU A 354 6.31 43.84 4.96
N GLY A 355 5.92 43.49 6.19
CA GLY A 355 5.28 42.22 6.44
C GLY A 355 6.21 41.06 6.70
N ASN A 356 7.50 41.33 6.92
CA ASN A 356 8.48 40.28 7.17
C ASN A 356 8.53 39.93 8.66
N LEU A 357 8.89 38.69 8.94
CA LEU A 357 8.95 38.21 10.31
C LEU A 357 10.27 38.63 10.96
N ILE A 358 10.18 39.12 12.19
CA ILE A 358 11.35 39.37 13.03
C ILE A 358 11.66 38.09 13.80
N ARG A 359 12.90 37.61 13.66
CA ARG A 359 13.29 36.32 14.22
C ARG A 359 13.19 36.27 15.73
N GLU A 360 13.00 37.41 16.41
CA GLU A 360 12.98 37.44 17.87
C GLU A 360 11.57 37.49 18.44
N THR A 361 10.55 37.15 17.66
CA THR A 361 9.18 37.18 18.14
C THR A 361 8.44 35.84 18.06
N THR A 362 8.98 34.86 17.33
CA THR A 362 8.32 33.57 17.15
C THR A 362 8.82 32.57 18.19
N LYS A 363 7.96 31.60 18.50
CA LYS A 363 8.34 30.52 19.40
C LYS A 363 9.42 29.65 18.74
N GLN A 364 10.30 29.11 19.58
CA GLN A 364 11.38 28.25 19.10
C GLN A 364 11.07 26.77 19.29
N LYS A 365 10.52 26.38 20.44
CA LYS A 365 10.14 25.00 20.70
C LYS A 365 8.69 24.94 21.15
N GLU A 366 8.02 23.83 20.83
CA GLU A 366 6.74 23.49 21.42
C GLU A 366 6.45 22.02 21.16
N ASP A 367 6.08 21.30 22.22
CA ASP A 367 5.80 19.87 22.14
C ASP A 367 4.31 19.62 22.30
N PHE A 368 3.82 18.59 21.59
CA PHE A 368 2.43 18.17 21.66
C PHE A 368 2.37 16.69 22.00
N THR A 369 1.42 16.33 22.85
CA THR A 369 1.33 14.97 23.39
C THR A 369 0.06 14.30 22.95
N PHE A 370 0.16 13.01 22.63
CA PHE A 370 -0.97 12.19 22.19
C PHE A 370 -0.92 10.87 22.92
N ALA A 371 -2.01 10.11 22.79
CA ALA A 371 -2.09 8.79 23.41
C ALA A 371 -3.17 7.97 22.72
N GLY A 372 -2.95 6.67 22.66
CA GLY A 372 -3.92 5.75 22.08
C GLY A 372 -3.86 4.42 22.78
N TYR A 373 -5.02 3.77 22.90
CA TYR A 373 -5.11 2.51 23.62
C TYR A 373 -6.41 1.81 23.24
N LEU A 374 -6.49 0.54 23.61
CA LEU A 374 -7.65 -0.31 23.31
C LEU A 374 -8.36 -0.69 24.60
N THR A 375 -9.68 -0.61 24.58
CA THR A 375 -10.51 -1.01 25.71
C THR A 375 -11.42 -2.17 25.31
N ASP A 376 -11.82 -2.96 26.29
CA ASP A 376 -12.64 -4.14 26.04
C ASP A 376 -14.11 -3.76 26.09
N SER A 377 -14.99 -4.76 26.26
CA SER A 377 -16.43 -4.50 26.22
C SER A 377 -16.88 -3.60 27.35
N LYS A 378 -16.37 -3.85 28.56
CA LYS A 378 -16.76 -3.05 29.72
C LYS A 378 -16.02 -1.72 29.80
N GLY A 379 -14.93 -1.56 29.03
CA GLY A 379 -14.20 -0.31 29.01
C GLY A 379 -12.84 -0.33 29.67
N ALA A 380 -12.31 -1.50 30.02
CA ALA A 380 -11.02 -1.58 30.69
C ALA A 380 -9.90 -1.79 29.66
N LEU A 381 -8.72 -1.31 30.02
CA LEU A 381 -7.60 -1.33 29.09
C LEU A 381 -7.08 -2.75 28.89
N ILE A 382 -6.78 -3.09 27.64
CA ILE A 382 -6.11 -4.36 27.34
C ILE A 382 -4.63 -4.21 27.67
N ASN A 383 -4.05 -5.27 28.25
CA ASN A 383 -2.74 -5.16 28.89
C ASN A 383 -1.67 -4.71 27.89
N ASN A 384 -0.88 -3.72 28.31
CA ASN A 384 0.22 -3.18 27.50
C ASN A 384 -0.24 -2.72 26.11
N THR A 385 -1.38 -2.04 26.06
CA THR A 385 -1.87 -1.46 24.80
C THR A 385 -1.80 0.05 24.79
N LEU A 386 -1.39 0.67 25.90
CA LEU A 386 -1.31 2.12 25.99
C LEU A 386 0.01 2.62 25.41
N GLY A 387 -0.09 3.39 24.32
CA GLY A 387 1.10 3.98 23.72
C GLY A 387 0.99 5.48 23.58
N THR A 388 1.84 6.22 24.28
CA THR A 388 1.87 7.67 24.18
C THR A 388 2.91 8.11 23.15
N SER A 389 2.73 9.34 22.66
CA SER A 389 3.62 9.90 21.66
C SER A 389 3.71 11.40 21.85
N THR A 390 4.86 11.97 21.50
CA THR A 390 5.08 13.41 21.54
C THR A 390 5.59 13.88 20.20
N LEU A 391 5.10 15.03 19.76
CA LEU A 391 5.53 15.67 18.52
C LEU A 391 6.29 16.94 18.89
N ALA A 392 7.58 16.97 18.60
CA ALA A 392 8.44 18.10 18.95
C ALA A 392 8.60 18.98 17.70
N LEU A 393 7.81 20.05 17.65
CA LEU A 393 7.96 21.06 16.61
C LEU A 393 9.01 22.07 17.05
N GLN A 394 9.89 22.45 16.12
CA GLN A 394 11.04 23.28 16.44
C GLN A 394 11.30 24.26 15.30
N ASP A 395 11.76 25.46 15.67
CA ASP A 395 12.16 26.50 14.72
C ASP A 395 13.52 27.02 15.18
N TYR A 396 14.57 26.27 14.86
CA TYR A 396 15.88 26.52 15.45
C TYR A 396 16.40 27.90 15.10
N ASP A 397 16.36 28.27 13.82
CA ASP A 397 16.83 29.57 13.38
C ASP A 397 15.77 30.66 13.53
N LYS A 398 14.57 30.31 13.98
CA LYS A 398 13.51 31.27 14.29
C LYS A 398 13.19 32.15 13.08
N ASP A 399 12.99 31.53 11.92
CA ASP A 399 12.64 32.26 10.71
C ASP A 399 11.18 32.05 10.32
N GLY A 400 10.35 31.55 11.24
CA GLY A 400 8.96 31.31 10.97
C GLY A 400 8.64 29.98 10.34
N LEU A 401 9.64 29.27 9.83
CA LEU A 401 9.45 27.96 9.22
C LEU A 401 9.95 26.89 10.18
N LEU A 402 9.13 25.85 10.39
CA LEU A 402 9.55 24.74 11.24
C LEU A 402 10.72 23.99 10.60
N ASP A 403 11.57 23.42 11.47
CA ASP A 403 12.71 22.65 10.99
C ASP A 403 12.25 21.50 10.10
N ARG A 404 11.15 20.84 10.47
CA ARG A 404 10.65 19.73 9.66
C ARG A 404 10.15 20.24 8.31
N TYR A 405 9.55 21.44 8.30
CA TYR A 405 9.10 22.03 7.04
C TYR A 405 10.27 22.28 6.10
N GLU A 406 11.35 22.87 6.63
CA GLU A 406 12.50 23.23 5.79
C GLU A 406 13.20 22.00 5.25
N ARG A 407 13.27 20.93 6.03
CA ARG A 407 14.00 19.74 5.59
C ARG A 407 13.19 18.89 4.62
N GLN A 408 11.86 18.95 4.69
CA GLN A 408 11.01 18.06 3.92
C GLN A 408 10.32 18.71 2.74
N LEU A 409 10.21 20.03 2.70
CA LEU A 409 9.43 20.68 1.65
C LEU A 409 10.20 21.82 0.99
N SER A 410 10.66 22.79 1.77
CA SER A 410 11.35 23.95 1.22
C SER A 410 12.80 23.66 0.84
N LEU A 411 13.41 22.64 1.42
CA LEU A 411 14.79 22.25 1.11
C LEU A 411 15.78 23.36 1.43
N SER A 412 15.53 24.08 2.53
CA SER A 412 16.41 25.15 2.98
C SER A 412 17.17 24.73 4.23
N ASP A 413 18.22 25.49 4.54
CA ASP A 413 19.05 25.21 5.71
C ASP A 413 18.25 25.49 6.98
N ALA A 414 18.17 24.49 7.86
CA ALA A 414 17.42 24.62 9.10
C ALA A 414 18.11 25.49 10.14
N GLU A 415 19.40 25.78 9.98
CA GLU A 415 20.14 26.63 10.91
C GLU A 415 20.68 27.87 10.22
N ASN A 416 19.85 28.46 9.35
CA ASN A 416 20.23 29.67 8.62
C ASN A 416 18.96 30.45 8.30
N GLU A 417 18.92 31.70 8.75
CA GLU A 417 17.80 32.57 8.41
C GLU A 417 17.78 32.94 6.94
N ASP A 418 18.92 32.81 6.25
CA ASP A 418 19.08 33.21 4.86
C ASP A 418 20.01 32.20 4.19
N THR A 419 19.39 31.16 3.60
CA THR A 419 20.16 30.06 3.03
C THR A 419 20.96 30.51 1.81
N ASP A 420 20.31 31.21 0.88
CA ASP A 420 20.96 31.64 -0.35
C ASP A 420 21.82 32.89 -0.16
N GLY A 421 21.64 33.61 0.94
CA GLY A 421 22.48 34.76 1.24
C GLY A 421 22.20 35.98 0.39
N ASP A 422 20.93 36.36 0.28
CA ASP A 422 20.54 37.53 -0.50
C ASP A 422 19.78 38.55 0.33
N GLY A 423 19.87 38.46 1.66
CA GLY A 423 19.20 39.41 2.53
C GLY A 423 17.73 39.13 2.78
N LYS A 424 17.14 38.18 2.05
CA LYS A 424 15.73 37.84 2.20
C LYS A 424 15.64 36.60 3.08
N ASN A 425 15.03 36.74 4.26
CA ASN A 425 14.89 35.63 5.17
C ASN A 425 14.09 34.49 4.53
N ASP A 426 14.32 33.27 5.04
CA ASP A 426 13.70 32.09 4.45
C ASP A 426 12.18 32.12 4.61
N GLY A 427 11.70 32.48 5.80
CA GLY A 427 10.26 32.54 6.01
C GLY A 427 9.60 33.63 5.19
N ASP A 428 10.22 34.81 5.14
CA ASP A 428 9.67 35.90 4.33
C ASP A 428 9.69 35.54 2.85
N GLU A 429 10.74 34.85 2.40
CA GLU A 429 10.87 34.51 0.99
C GLU A 429 9.78 33.54 0.53
N VAL A 430 9.30 32.68 1.42
CA VAL A 430 8.36 31.63 1.03
C VAL A 430 6.92 32.11 1.05
N VAL A 431 6.52 32.85 2.09
CA VAL A 431 5.11 33.18 2.28
C VAL A 431 4.82 34.62 1.83
N ASN A 432 5.82 35.48 1.88
CA ASN A 432 5.61 36.89 1.58
C ASN A 432 6.06 37.24 0.16
N TYR A 433 7.36 37.17 -0.10
CA TYR A 433 7.89 37.50 -1.42
C TYR A 433 7.49 36.49 -2.48
N LYS A 434 7.14 35.26 -2.10
CA LYS A 434 6.81 34.19 -3.04
C LYS A 434 7.94 33.96 -4.04
N THR A 435 9.18 34.08 -3.59
CA THR A 435 10.36 33.77 -4.38
C THR A 435 11.09 32.59 -3.77
N SER A 436 11.98 31.99 -4.57
CA SER A 436 12.69 30.80 -4.11
C SER A 436 13.69 31.15 -3.02
N PRO A 437 13.69 30.41 -1.90
CA PRO A 437 14.66 30.70 -0.83
C PRO A 437 15.98 29.98 -1.04
N LEU A 438 16.24 29.56 -2.28
CA LEU A 438 17.46 28.85 -2.64
C LEU A 438 18.27 29.53 -3.72
N VAL A 439 17.78 30.61 -4.31
CA VAL A 439 18.45 31.31 -5.40
C VAL A 439 18.74 32.74 -4.96
N GLY A 440 19.92 33.24 -5.33
CA GLY A 440 20.32 34.58 -4.94
C GLY A 440 20.76 35.45 -6.10
N LYS A 441 20.84 34.88 -7.29
CA LYS A 441 21.28 35.61 -8.48
C LYS A 441 20.33 35.39 -9.65
N GLN B 27 -5.56 -3.17 -35.63
CA GLN B 27 -4.28 -3.88 -35.60
C GLN B 27 -3.32 -3.25 -34.60
N LYS B 28 -3.60 -2.01 -34.22
CA LYS B 28 -2.72 -1.25 -33.34
C LYS B 28 -3.23 -1.33 -31.90
N SER B 29 -2.30 -1.50 -30.96
CA SER B 29 -2.67 -1.62 -29.56
C SER B 29 -2.94 -0.25 -28.96
N LEU B 30 -3.48 -0.25 -27.75
CA LEU B 30 -3.88 0.97 -27.07
C LEU B 30 -3.08 1.15 -25.79
N GLY B 31 -2.82 2.42 -25.45
CA GLY B 31 -2.19 2.76 -24.21
C GLY B 31 -3.19 2.74 -23.06
N TYR B 32 -2.68 3.01 -21.86
CA TYR B 32 -3.49 3.00 -20.66
C TYR B 32 -3.67 4.40 -20.11
N THR B 33 -4.78 4.61 -19.41
CA THR B 33 -5.07 5.87 -18.72
C THR B 33 -5.65 5.53 -17.36
N ASP B 34 -5.85 6.56 -16.54
CA ASP B 34 -6.18 6.37 -15.13
C ASP B 34 -7.47 7.10 -14.79
N ASN B 35 -8.53 6.34 -14.50
CA ASN B 35 -9.76 6.89 -13.93
C ASN B 35 -10.28 5.86 -12.94
N TYR B 36 -10.17 6.16 -11.65
CA TYR B 36 -10.48 5.17 -10.62
C TYR B 36 -11.98 4.93 -10.49
N THR B 37 -12.81 5.83 -11.02
CA THR B 37 -14.25 5.67 -10.86
C THR B 37 -14.76 4.39 -11.53
N PHE B 38 -14.14 3.98 -12.64
CA PHE B 38 -14.48 2.72 -13.30
C PHE B 38 -13.71 1.60 -12.60
N ALA B 39 -14.29 1.15 -11.48
CA ALA B 39 -13.57 0.24 -10.59
C ALA B 39 -13.47 -1.17 -11.16
N SER B 40 -14.56 -1.67 -11.74
CA SER B 40 -14.59 -3.03 -12.25
C SER B 40 -15.48 -3.10 -13.48
N MET B 41 -15.10 -3.95 -14.43
CA MET B 41 -15.89 -4.18 -15.64
C MET B 41 -15.63 -5.64 -16.04
N LEU B 42 -16.57 -6.52 -15.70
CA LEU B 42 -16.40 -7.95 -15.90
C LEU B 42 -17.23 -8.44 -17.08
N PHE B 43 -16.62 -9.27 -17.91
CA PHE B 43 -17.29 -9.89 -19.06
C PHE B 43 -17.57 -11.35 -18.69
N ASP B 44 -18.85 -11.69 -18.57
CA ASP B 44 -19.28 -13.00 -18.09
C ASP B 44 -20.02 -13.74 -19.20
N PRO B 45 -19.31 -14.52 -20.02
CA PRO B 45 -19.98 -15.24 -21.11
C PRO B 45 -20.26 -16.71 -20.76
N GLY B 46 -21.21 -17.31 -21.47
CA GLY B 46 -21.47 -18.72 -21.29
C GLY B 46 -20.36 -19.58 -21.87
N LYS B 47 -20.29 -20.81 -21.37
CA LYS B 47 -19.29 -21.76 -21.85
C LYS B 47 -19.74 -22.38 -23.17
N LEU B 48 -18.78 -22.94 -23.88
CA LEU B 48 -19.06 -23.53 -25.19
C LEU B 48 -18.72 -25.02 -25.21
N ASP B 49 -19.27 -25.77 -24.26
CA ASP B 49 -19.08 -27.22 -24.18
C ASP B 49 -20.38 -27.99 -24.29
N SER B 50 -21.48 -27.47 -23.74
CA SER B 50 -22.76 -28.15 -23.81
C SER B 50 -23.26 -28.21 -25.25
N ASP B 51 -24.05 -29.24 -25.54
CA ASP B 51 -24.55 -29.43 -26.90
C ASP B 51 -25.53 -28.32 -27.30
N ASP B 52 -26.19 -27.70 -26.31
CA ASP B 52 -27.09 -26.60 -26.62
C ASP B 52 -26.33 -25.38 -27.11
N ALA B 53 -25.25 -25.02 -26.40
CA ALA B 53 -24.43 -23.89 -26.83
C ALA B 53 -23.65 -24.22 -28.09
N LEU B 54 -23.22 -25.48 -28.25
CA LEU B 54 -22.45 -25.86 -29.42
C LEU B 54 -23.30 -25.85 -30.68
N ASN B 55 -24.61 -26.03 -30.55
CA ASN B 55 -25.52 -26.06 -31.68
C ASN B 55 -26.26 -24.74 -31.87
N SER B 56 -25.86 -23.69 -31.17
CA SER B 56 -26.49 -22.38 -31.27
C SER B 56 -25.58 -21.39 -31.98
N ASN B 57 -26.20 -20.40 -32.61
CA ASN B 57 -25.48 -19.33 -33.27
C ASN B 57 -25.32 -18.10 -32.39
N ILE B 58 -25.66 -18.21 -31.10
CA ILE B 58 -25.65 -17.08 -30.19
C ILE B 58 -24.78 -17.45 -28.99
N ILE B 59 -23.81 -16.60 -28.68
CA ILE B 59 -23.00 -16.72 -27.47
C ILE B 59 -23.57 -15.76 -26.44
N PRO B 60 -24.14 -16.23 -25.33
CA PRO B 60 -24.73 -15.33 -24.35
C PRO B 60 -23.68 -14.80 -23.39
N PHE B 61 -23.96 -13.61 -22.85
CA PHE B 61 -23.05 -13.00 -21.89
C PHE B 61 -23.79 -11.96 -21.08
N ASP B 62 -23.28 -11.72 -19.87
CA ASP B 62 -23.67 -10.58 -19.06
C ASP B 62 -22.46 -9.66 -18.90
N LEU B 63 -22.73 -8.41 -18.55
CA LEU B 63 -21.69 -7.40 -18.40
C LEU B 63 -21.85 -6.76 -17.03
N HIS B 64 -20.89 -7.01 -16.13
CA HIS B 64 -20.92 -6.48 -14.78
C HIS B 64 -20.03 -5.26 -14.68
N SER B 65 -20.47 -4.28 -13.90
CA SER B 65 -19.74 -3.03 -13.74
C SER B 65 -19.93 -2.50 -12.33
N TYR B 66 -18.87 -1.90 -11.78
CA TYR B 66 -18.93 -1.18 -10.52
C TYR B 66 -18.35 0.20 -10.75
N MET B 67 -19.11 1.23 -10.34
CA MET B 67 -18.72 2.61 -10.59
C MET B 67 -18.70 3.34 -9.25
N SER B 68 -17.55 3.88 -8.88
CA SER B 68 -17.37 4.51 -7.57
C SER B 68 -17.61 6.01 -7.59
N GLY B 69 -17.85 6.61 -8.76
CA GLY B 69 -18.14 8.02 -8.84
C GLY B 69 -19.04 8.30 -10.03
N ALA B 70 -19.69 9.47 -9.99
CA ALA B 70 -20.62 9.84 -11.04
C ALA B 70 -19.90 10.07 -12.37
N ASN B 71 -20.63 9.84 -13.46
CA ASN B 71 -20.12 10.06 -14.80
C ASN B 71 -21.26 10.52 -15.70
N SER B 72 -20.89 11.13 -16.83
CA SER B 72 -21.87 11.71 -17.74
C SER B 72 -21.26 11.77 -19.13
N GLY B 73 -22.06 12.25 -20.08
CA GLY B 73 -21.56 12.56 -21.40
C GLY B 73 -21.28 11.35 -22.28
N ASN B 74 -20.69 11.65 -23.44
CA ASN B 74 -20.33 10.65 -24.43
C ASN B 74 -18.83 10.34 -24.43
N ARG B 75 -18.10 10.77 -23.40
CA ARG B 75 -16.65 10.62 -23.41
C ARG B 75 -16.24 9.15 -23.37
N TYR B 76 -16.77 8.39 -22.42
CA TYR B 76 -16.32 7.04 -22.16
C TYR B 76 -17.17 6.02 -22.90
N LYS B 77 -16.52 5.01 -23.46
CA LYS B 77 -17.14 3.93 -24.21
C LYS B 77 -16.81 2.59 -23.57
N ILE B 78 -17.53 1.55 -24.00
CA ILE B 78 -17.28 0.18 -23.59
C ILE B 78 -16.87 -0.61 -24.82
N ASP B 79 -15.69 -1.21 -24.77
CA ASP B 79 -15.13 -1.91 -25.92
C ASP B 79 -15.03 -3.40 -25.62
N LEU B 80 -15.27 -4.22 -26.66
CA LEU B 80 -15.28 -5.67 -26.54
C LEU B 80 -14.46 -6.25 -27.69
N LYS B 81 -13.24 -6.67 -27.39
CA LYS B 81 -12.32 -7.22 -28.38
C LYS B 81 -12.44 -8.74 -28.37
N LEU B 82 -12.74 -9.33 -29.53
CA LEU B 82 -12.94 -10.77 -29.66
C LEU B 82 -11.85 -11.39 -30.52
N ASP B 83 -11.60 -12.69 -30.28
CA ASP B 83 -10.66 -13.44 -31.09
C ASP B 83 -11.06 -13.36 -32.56
N PRO B 84 -10.10 -13.20 -33.48
CA PRO B 84 -10.46 -13.09 -34.90
C PRO B 84 -11.21 -14.29 -35.44
N ILE B 85 -11.05 -15.46 -34.82
CA ILE B 85 -11.81 -16.64 -35.24
C ILE B 85 -13.30 -16.40 -35.08
N ILE B 86 -13.70 -15.69 -34.02
CA ILE B 86 -15.12 -15.42 -33.79
C ILE B 86 -15.56 -14.14 -34.50
N ALA B 87 -14.73 -13.10 -34.47
CA ALA B 87 -15.09 -11.84 -35.10
C ALA B 87 -15.33 -11.98 -36.60
N GLU B 88 -14.75 -13.01 -37.23
CA GLU B 88 -15.00 -13.25 -38.64
C GLU B 88 -16.48 -13.54 -38.90
N HIS B 89 -17.18 -14.13 -37.93
CA HIS B 89 -18.53 -14.61 -38.12
C HIS B 89 -19.59 -13.77 -37.41
N VAL B 90 -19.20 -12.67 -36.77
CA VAL B 90 -20.15 -11.87 -35.99
C VAL B 90 -21.03 -11.05 -36.92
N THR B 91 -22.35 -11.14 -36.73
CA THR B 91 -23.31 -10.34 -37.47
C THR B 91 -23.98 -9.27 -36.63
N LYS B 92 -24.11 -9.49 -35.31
CA LYS B 92 -24.69 -8.50 -34.43
C LYS B 92 -24.24 -8.79 -33.00
N ILE B 93 -24.03 -7.72 -32.23
CA ILE B 93 -23.74 -7.82 -30.80
C ILE B 93 -24.61 -6.80 -30.08
N SER B 94 -25.33 -7.24 -29.06
CA SER B 94 -26.29 -6.37 -28.37
C SER B 94 -26.43 -6.82 -26.92
N ALA B 95 -26.98 -5.94 -26.10
CA ALA B 95 -27.24 -6.25 -24.69
C ALA B 95 -28.20 -5.21 -24.14
N ASN B 96 -28.92 -5.61 -23.10
CA ASN B 96 -29.87 -4.71 -22.44
C ASN B 96 -29.13 -3.82 -21.44
N PRO B 97 -29.37 -2.51 -21.45
CA PRO B 97 -28.80 -1.65 -20.40
C PRO B 97 -29.29 -2.05 -19.02
N SER B 98 -28.61 -1.54 -18.01
CA SER B 98 -28.91 -1.91 -16.63
C SER B 98 -30.33 -1.48 -16.27
N GLY B 99 -31.18 -2.48 -15.99
CA GLY B 99 -32.55 -2.20 -15.62
C GLY B 99 -33.48 -1.94 -16.78
N SER B 100 -33.13 -2.38 -17.99
CA SER B 100 -33.94 -2.13 -19.17
C SER B 100 -34.23 -3.45 -19.87
N ASN B 101 -35.25 -3.42 -20.73
CA ASN B 101 -35.61 -4.56 -21.56
C ASN B 101 -35.29 -4.35 -23.04
N LYS B 102 -35.01 -3.11 -23.46
CA LYS B 102 -34.75 -2.82 -24.87
C LYS B 102 -33.25 -2.91 -25.13
N PRO B 103 -32.80 -3.81 -26.00
CA PRO B 103 -31.35 -3.93 -26.26
C PRO B 103 -30.82 -2.72 -27.01
N VAL B 104 -29.50 -2.55 -26.92
CA VAL B 104 -28.76 -1.57 -27.72
C VAL B 104 -27.68 -2.32 -28.48
N GLU B 105 -27.49 -1.94 -29.74
CA GLU B 105 -26.59 -2.66 -30.64
C GLU B 105 -25.16 -2.14 -30.51
N PHE B 106 -24.21 -3.06 -30.42
CA PHE B 106 -22.79 -2.69 -30.44
C PHE B 106 -22.37 -2.41 -31.87
N VAL B 107 -21.65 -1.30 -32.07
CA VAL B 107 -21.15 -0.89 -33.37
C VAL B 107 -19.70 -1.31 -33.49
N ARG B 108 -19.34 -1.97 -34.59
CA ARG B 108 -17.96 -2.37 -34.81
C ARG B 108 -17.08 -1.15 -35.02
N ASN B 109 -15.86 -1.20 -34.49
CA ASN B 109 -14.97 -0.06 -34.49
C ASN B 109 -14.12 -0.05 -35.76
N LYS B 110 -13.85 1.15 -36.25
CA LYS B 110 -12.94 1.34 -37.38
C LYS B 110 -11.67 2.05 -36.90
N ASP B 111 -10.52 1.57 -37.38
CA ASP B 111 -9.24 2.15 -36.99
C ASP B 111 -8.96 3.45 -37.71
N GLU B 112 -7.70 3.92 -37.66
CA GLU B 112 -7.36 5.20 -38.27
C GLU B 112 -7.63 5.21 -39.77
N ASN B 113 -7.30 4.13 -40.46
CA ASN B 113 -7.33 4.10 -41.92
C ASN B 113 -8.69 3.73 -42.50
N GLY B 114 -9.53 3.03 -41.74
CA GLY B 114 -10.89 2.75 -42.16
C GLY B 114 -11.25 1.28 -42.17
N ASN B 115 -10.34 0.38 -41.80
CA ASN B 115 -10.64 -1.04 -41.74
C ASN B 115 -11.42 -1.38 -40.48
N LEU B 116 -11.90 -2.62 -40.42
CA LEU B 116 -12.71 -3.09 -39.31
C LEU B 116 -11.83 -3.83 -38.32
N THR B 117 -11.81 -3.35 -37.08
CA THR B 117 -11.14 -4.05 -36.00
C THR B 117 -11.98 -5.25 -35.57
N ASP B 118 -11.44 -6.04 -34.64
CA ASP B 118 -12.20 -7.09 -34.00
C ASP B 118 -12.77 -6.64 -32.66
N THR B 119 -12.93 -5.32 -32.48
CA THR B 119 -13.44 -4.75 -31.24
C THR B 119 -14.75 -4.02 -31.53
N TRP B 120 -15.79 -4.37 -30.77
CA TRP B 120 -17.08 -3.71 -30.84
C TRP B 120 -17.19 -2.70 -29.70
N GLU B 121 -17.95 -1.64 -29.93
CA GLU B 121 -17.99 -0.51 -29.01
C GLU B 121 -19.41 0.00 -28.84
N VAL B 122 -19.75 0.32 -27.59
CA VAL B 122 -21.02 0.94 -27.25
C VAL B 122 -20.75 2.04 -26.23
N ASN B 123 -21.60 3.06 -26.23
CA ASN B 123 -21.46 4.13 -25.25
C ASN B 123 -21.63 3.57 -23.84
N PHE B 124 -20.97 4.21 -22.88
CA PHE B 124 -21.08 3.76 -21.49
C PHE B 124 -22.34 4.30 -20.82
N ILE B 125 -22.49 5.63 -20.80
CA ILE B 125 -23.60 6.23 -20.08
C ILE B 125 -24.92 5.83 -20.70
N ARG B 126 -25.81 5.26 -19.88
CA ARG B 126 -27.06 4.71 -20.37
C ARG B 126 -27.93 5.78 -21.01
N ALA B 127 -27.93 7.00 -20.46
CA ALA B 127 -28.78 8.07 -20.99
C ALA B 127 -28.39 8.49 -22.40
N ASN B 128 -27.19 8.13 -22.84
CA ASN B 128 -26.76 8.44 -24.20
C ASN B 128 -26.65 7.14 -25.01
N ASP B 129 -27.72 6.36 -25.02
CA ASP B 129 -27.75 5.06 -25.72
C ASP B 129 -26.62 4.15 -25.24
N GLY B 130 -26.45 4.07 -23.92
CA GLY B 130 -25.40 3.27 -23.33
C GLY B 130 -25.90 2.08 -22.53
N LEU B 131 -25.14 1.68 -21.52
CA LEU B 131 -25.42 0.47 -20.76
C LEU B 131 -25.62 0.70 -19.27
N PHE B 132 -24.96 1.69 -18.67
CA PHE B 132 -24.97 1.86 -17.22
C PHE B 132 -25.31 3.30 -16.86
N GLY B 133 -26.06 3.47 -15.77
CA GLY B 133 -26.51 4.79 -15.39
C GLY B 133 -25.38 5.61 -14.77
N GLY B 134 -25.38 6.91 -15.08
CA GLY B 134 -24.33 7.80 -14.60
C GLY B 134 -24.39 8.11 -13.12
N ALA B 135 -25.52 7.82 -12.47
CA ALA B 135 -25.68 8.09 -11.04
C ALA B 135 -25.80 6.83 -10.21
N GLU B 136 -25.86 5.65 -10.84
CA GLU B 136 -25.96 4.38 -10.13
C GLU B 136 -24.55 3.97 -9.72
N ILE B 137 -24.09 4.55 -8.61
CA ILE B 137 -22.73 4.36 -8.14
C ILE B 137 -22.73 3.51 -6.87
N LEU B 138 -21.54 3.01 -6.52
CA LEU B 138 -21.29 2.29 -5.28
C LEU B 138 -22.21 1.07 -5.13
N SER B 139 -22.39 0.34 -6.23
CA SER B 139 -23.13 -0.91 -6.23
C SER B 139 -22.88 -1.61 -7.56
N GLN B 140 -23.01 -2.94 -7.54
CA GLN B 140 -22.80 -3.73 -8.75
C GLN B 140 -24.04 -3.68 -9.62
N TYR B 141 -23.85 -3.38 -10.90
CA TYR B 141 -24.94 -3.34 -11.87
C TYR B 141 -24.56 -4.19 -13.07
N THR B 142 -25.57 -4.83 -13.67
CA THR B 142 -25.35 -5.81 -14.72
C THR B 142 -26.17 -5.45 -15.95
N ALA B 143 -25.55 -5.61 -17.12
CA ALA B 143 -26.23 -5.53 -18.41
C ALA B 143 -26.48 -6.96 -18.88
N LYS B 144 -27.76 -7.36 -18.92
CA LYS B 144 -28.13 -8.74 -19.15
C LYS B 144 -28.60 -8.96 -20.58
N ASN B 145 -28.81 -10.25 -20.90
CA ASN B 145 -29.28 -10.69 -22.21
C ASN B 145 -28.35 -10.20 -23.33
N GLY B 146 -27.04 -10.37 -23.10
CA GLY B 146 -26.07 -10.06 -24.14
C GLY B 146 -25.99 -11.20 -25.14
N LYS B 147 -26.05 -10.86 -26.42
CA LYS B 147 -26.09 -11.84 -27.50
C LYS B 147 -25.02 -11.49 -28.53
N ILE B 148 -24.09 -12.42 -28.74
CA ILE B 148 -23.13 -12.35 -29.83
C ILE B 148 -23.68 -13.23 -30.94
N GLU B 149 -24.43 -12.63 -31.86
CA GLU B 149 -25.07 -13.37 -32.93
C GLU B 149 -24.09 -13.63 -34.06
N LEU B 150 -23.87 -14.90 -34.38
CA LEU B 150 -22.96 -15.32 -35.43
C LEU B 150 -23.72 -15.76 -36.68
N ASP B 151 -22.98 -15.83 -37.79
CA ASP B 151 -23.52 -16.33 -39.05
C ASP B 151 -23.38 -17.84 -39.20
N ASP B 152 -23.17 -18.55 -38.09
CA ASP B 152 -22.97 -20.00 -38.10
C ASP B 152 -23.05 -20.49 -36.67
N THR B 153 -23.20 -21.80 -36.51
CA THR B 153 -23.26 -22.40 -35.19
C THR B 153 -21.86 -22.46 -34.58
N VAL B 154 -21.82 -22.37 -33.25
CA VAL B 154 -20.54 -22.37 -32.55
C VAL B 154 -19.79 -23.67 -32.79
N GLY B 155 -20.51 -24.78 -32.95
CA GLY B 155 -19.84 -26.05 -33.21
C GLY B 155 -19.10 -26.07 -34.52
N ASN B 156 -19.66 -25.41 -35.55
CA ASN B 156 -19.00 -25.38 -36.84
C ASN B 156 -17.73 -24.55 -36.81
N ILE B 157 -17.73 -23.43 -36.08
CA ILE B 157 -16.55 -22.57 -36.04
C ILE B 157 -15.45 -23.19 -35.19
N ILE B 158 -15.82 -23.84 -34.08
CA ILE B 158 -14.83 -24.45 -33.21
C ILE B 158 -14.12 -25.60 -33.92
N SER B 159 -14.87 -26.38 -34.70
CA SER B 159 -14.27 -27.51 -35.41
C SER B 159 -13.50 -27.08 -36.66
N ASN B 160 -13.63 -25.82 -37.08
CA ASN B 160 -12.88 -25.29 -38.21
C ASN B 160 -11.92 -24.20 -37.76
N ALA B 161 -11.40 -24.31 -36.54
CA ALA B 161 -10.50 -23.33 -35.97
C ALA B 161 -9.13 -23.88 -35.61
N GLY B 162 -8.97 -25.18 -35.53
CA GLY B 162 -7.70 -25.79 -35.20
C GLY B 162 -7.64 -26.28 -33.76
N ASN B 163 -6.41 -26.51 -33.32
CA ASN B 163 -6.17 -27.01 -31.96
C ASN B 163 -6.29 -25.86 -30.98
N LEU B 164 -7.32 -25.89 -30.13
CA LEU B 164 -7.52 -24.87 -29.10
C LEU B 164 -6.96 -25.29 -27.75
N SER B 165 -5.84 -26.01 -27.76
CA SER B 165 -5.17 -26.38 -26.53
C SER B 165 -4.05 -25.42 -26.14
N ASN B 166 -3.54 -24.65 -27.11
CA ASN B 166 -2.58 -23.58 -26.83
C ASN B 166 -3.20 -22.22 -27.13
N ASN B 167 -3.56 -21.95 -28.38
CA ASN B 167 -4.32 -20.75 -28.70
C ASN B 167 -5.77 -20.93 -28.30
N LYS B 168 -6.29 -19.98 -27.55
CA LYS B 168 -7.68 -19.99 -27.12
C LYS B 168 -8.46 -18.93 -27.89
N LEU B 169 -9.79 -18.97 -27.71
CA LEU B 169 -10.66 -17.95 -28.28
C LEU B 169 -10.66 -16.77 -27.31
N ASN B 170 -9.67 -15.90 -27.47
CA ASN B 170 -9.45 -14.82 -26.53
C ASN B 170 -10.54 -13.75 -26.61
N HIS B 171 -10.82 -13.12 -25.48
CA HIS B 171 -11.72 -11.98 -25.41
C HIS B 171 -11.17 -10.96 -24.41
N GLN B 172 -11.57 -9.70 -24.58
CA GLN B 172 -11.12 -8.63 -23.72
C GLN B 172 -12.17 -7.53 -23.71
N VAL B 173 -12.36 -6.93 -22.53
CA VAL B 173 -13.32 -5.84 -22.36
C VAL B 173 -12.67 -4.78 -21.50
N PHE B 174 -12.98 -3.51 -21.80
CA PHE B 174 -12.42 -2.39 -21.05
C PHE B 174 -13.24 -1.14 -21.38
N VAL B 175 -13.08 -0.13 -20.53
CA VAL B 175 -13.62 1.20 -20.80
C VAL B 175 -12.56 1.98 -21.58
N ARG B 176 -12.97 2.65 -22.64
CA ARG B 176 -12.08 3.40 -23.50
C ARG B 176 -12.34 4.90 -23.36
N ASP B 177 -11.27 5.67 -23.16
CA ASP B 177 -11.35 7.13 -23.16
C ASP B 177 -11.28 7.60 -24.62
N SER B 178 -12.41 8.04 -25.15
CA SER B 178 -12.49 8.37 -26.57
C SER B 178 -11.71 9.64 -26.92
N ARG B 179 -11.34 10.45 -25.93
CA ARG B 179 -10.57 11.65 -26.23
C ARG B 179 -9.12 11.35 -26.55
N GLU B 180 -8.54 10.31 -25.93
CA GLU B 180 -7.15 9.94 -26.17
C GLU B 180 -6.99 8.51 -26.68
N ASN B 181 -8.07 7.76 -26.86
CA ASN B 181 -8.03 6.37 -27.32
C ASN B 181 -7.12 5.53 -26.41
N LYS B 182 -7.41 5.56 -25.11
CA LYS B 182 -6.63 4.84 -24.12
C LYS B 182 -7.56 3.99 -23.26
N ILE B 183 -7.03 2.87 -22.78
CA ILE B 183 -7.77 1.97 -21.91
C ILE B 183 -7.75 2.51 -20.49
N VAL B 184 -8.92 2.54 -19.85
CA VAL B 184 -8.99 2.87 -18.43
C VAL B 184 -8.43 1.70 -17.65
N ARG B 185 -7.37 1.95 -16.88
CA ARG B 185 -6.54 0.87 -16.36
C ARG B 185 -7.33 -0.07 -15.47
N THR B 186 -8.18 0.47 -14.60
CA THR B 186 -8.90 -0.37 -13.64
C THR B 186 -10.08 -1.12 -14.27
N SER B 187 -10.41 -0.85 -15.53
CA SER B 187 -11.56 -1.48 -16.16
C SER B 187 -11.18 -2.63 -17.08
N GLU B 188 -9.89 -2.85 -17.33
CA GLU B 188 -9.48 -3.92 -18.23
C GLU B 188 -9.81 -5.28 -17.64
N SER B 189 -10.37 -6.15 -18.46
CA SER B 189 -10.63 -7.54 -18.10
C SER B 189 -10.53 -8.38 -19.37
N SER B 190 -9.90 -9.55 -19.25
CA SER B 190 -9.69 -10.41 -20.40
C SER B 190 -10.06 -11.85 -20.01
N GLY B 191 -9.59 -12.80 -20.81
CA GLY B 191 -9.92 -14.19 -20.62
C GLY B 191 -10.19 -14.84 -21.96
N TYR B 192 -10.75 -16.05 -21.91
CA TYR B 192 -11.08 -16.78 -23.12
C TYR B 192 -12.31 -17.65 -22.87
N PHE B 193 -13.02 -17.94 -23.95
CA PHE B 193 -14.17 -18.83 -23.87
C PHE B 193 -13.71 -20.26 -23.65
N LEU B 194 -14.43 -20.98 -22.80
CA LEU B 194 -14.08 -22.36 -22.50
C LEU B 194 -14.65 -23.29 -23.56
N THR B 195 -13.81 -24.18 -24.08
CA THR B 195 -14.21 -25.24 -25.00
C THR B 195 -13.86 -26.59 -24.40
N LYS B 196 -14.18 -27.66 -25.13
CA LYS B 196 -13.83 -29.00 -24.68
C LYS B 196 -12.32 -29.25 -24.68
N ALA B 197 -11.54 -28.38 -25.34
CA ALA B 197 -10.09 -28.48 -25.25
C ALA B 197 -9.58 -28.05 -23.88
N ASP B 198 -10.35 -27.24 -23.16
CA ASP B 198 -10.06 -26.89 -21.77
C ASP B 198 -10.76 -27.86 -20.81
N ASP B 199 -10.51 -29.16 -21.03
CA ASP B 199 -11.26 -30.20 -20.34
C ASP B 199 -11.20 -30.04 -18.82
N ASP B 200 -10.02 -29.69 -18.29
CA ASP B 200 -9.89 -29.57 -16.84
C ASP B 200 -10.76 -28.44 -16.31
N LEU B 201 -10.63 -27.24 -16.89
CA LEU B 201 -11.36 -26.08 -16.39
C LEU B 201 -12.86 -26.25 -16.51
N VAL B 202 -13.34 -26.79 -17.63
CA VAL B 202 -14.78 -26.95 -17.81
C VAL B 202 -15.35 -27.97 -16.82
N ASN B 203 -14.52 -28.92 -16.37
CA ASN B 203 -15.00 -29.95 -15.44
C ASN B 203 -15.46 -29.34 -14.13
N LEU B 204 -14.69 -28.43 -13.55
CA LEU B 204 -15.07 -27.87 -12.26
C LEU B 204 -16.20 -26.86 -12.38
N GLU B 205 -16.42 -26.29 -13.56
CA GLU B 205 -17.56 -25.41 -13.78
C GLU B 205 -18.84 -26.19 -14.07
N ASN B 206 -18.77 -27.52 -13.99
CA ASN B 206 -19.95 -28.39 -14.03
C ASN B 206 -20.23 -29.07 -12.71
N ASN B 207 -19.21 -29.26 -11.88
CA ASN B 207 -19.38 -29.78 -10.53
C ASN B 207 -18.94 -28.76 -9.50
N VAL B 208 -19.58 -27.59 -9.50
CA VAL B 208 -19.21 -26.55 -8.56
C VAL B 208 -19.50 -27.00 -7.14
N SER B 209 -18.67 -26.57 -6.20
CA SER B 209 -18.85 -26.92 -4.81
C SER B 209 -20.13 -26.29 -4.26
N THR B 210 -20.53 -26.77 -3.08
CA THR B 210 -21.71 -26.26 -2.39
C THR B 210 -21.34 -25.47 -1.14
N GLU B 211 -20.04 -25.22 -0.91
CA GLU B 211 -19.62 -24.59 0.34
C GLU B 211 -20.11 -23.15 0.43
N ASN B 212 -19.97 -22.39 -0.66
CA ASN B 212 -20.40 -21.00 -0.65
C ASN B 212 -20.80 -20.59 -2.07
N ASN B 213 -21.77 -21.30 -2.64
CA ASN B 213 -22.28 -20.96 -3.97
C ASN B 213 -23.09 -19.68 -3.96
N ASN B 214 -23.45 -19.15 -2.80
CA ASN B 214 -24.23 -17.93 -2.66
C ASN B 214 -23.37 -16.67 -2.61
N ALA B 215 -22.05 -16.82 -2.58
CA ALA B 215 -21.17 -15.73 -2.17
C ALA B 215 -20.76 -14.81 -3.30
N PHE B 216 -20.46 -15.37 -4.48
CA PHE B 216 -19.77 -14.63 -5.52
C PHE B 216 -20.61 -14.58 -6.80
N LYS B 217 -20.51 -13.45 -7.50
CA LYS B 217 -21.28 -13.19 -8.71
C LYS B 217 -20.57 -13.64 -9.97
N ALA B 218 -19.33 -13.18 -10.17
CA ALA B 218 -18.56 -13.52 -11.35
C ALA B 218 -17.09 -13.20 -11.06
N SER B 219 -16.23 -13.64 -11.96
CA SER B 219 -14.79 -13.43 -11.78
C SER B 219 -14.10 -13.42 -13.12
N SER B 220 -13.27 -12.40 -13.35
CA SER B 220 -12.48 -12.29 -14.57
C SER B 220 -11.07 -11.85 -14.20
N GLY B 221 -10.14 -12.06 -15.13
CA GLY B 221 -8.75 -11.70 -14.92
C GLY B 221 -8.27 -10.63 -15.90
N SER B 222 -7.03 -10.21 -15.68
CA SER B 222 -6.40 -9.20 -16.52
C SER B 222 -4.89 -9.32 -16.35
N ALA B 223 -4.16 -9.22 -17.45
CA ALA B 223 -2.71 -9.38 -17.45
C ALA B 223 -2.05 -8.19 -18.14
N THR B 224 -1.05 -7.62 -17.48
CA THR B 224 -0.31 -6.49 -18.01
C THR B 224 1.17 -6.70 -17.78
N TYR B 225 1.98 -5.91 -18.48
CA TYR B 225 3.42 -5.89 -18.29
C TYR B 225 3.80 -4.77 -17.34
N ASN B 226 4.75 -5.05 -16.45
CA ASN B 226 5.22 -4.08 -15.47
C ASN B 226 6.73 -4.11 -15.42
N GLU B 227 7.36 -2.99 -15.80
CA GLU B 227 8.82 -2.92 -15.87
C GLU B 227 9.47 -2.76 -14.51
N ASN B 228 8.71 -2.41 -13.47
CA ASN B 228 9.29 -2.20 -12.15
C ASN B 228 9.48 -3.50 -11.38
N VAL B 229 9.02 -4.63 -11.90
CA VAL B 229 9.11 -5.89 -11.18
C VAL B 229 10.52 -6.45 -11.34
N GLY B 230 11.23 -6.59 -10.22
CA GLY B 230 12.55 -7.18 -10.25
C GLY B 230 13.51 -6.33 -11.07
N GLU B 231 14.44 -7.01 -11.75
CA GLU B 231 15.45 -6.34 -12.55
C GLU B 231 15.24 -6.48 -14.04
N PHE B 232 14.37 -7.39 -14.48
CA PHE B 232 14.11 -7.60 -15.90
C PHE B 232 12.65 -7.37 -16.26
N GLY B 233 11.86 -6.83 -15.33
CA GLY B 233 10.44 -6.65 -15.56
C GLY B 233 9.63 -7.87 -15.16
N GLY B 234 8.31 -7.71 -15.21
CA GLY B 234 7.41 -8.77 -14.87
C GLY B 234 6.03 -8.52 -15.45
N ILE B 235 5.19 -9.54 -15.35
CA ILE B 235 3.81 -9.46 -15.81
C ILE B 235 2.90 -9.76 -14.62
N LEU B 236 1.84 -8.96 -14.48
CA LEU B 236 0.94 -9.02 -13.35
C LEU B 236 -0.40 -9.59 -13.80
N ILE B 237 -0.86 -10.62 -13.10
CA ILE B 237 -2.18 -11.21 -13.31
C ILE B 237 -3.04 -10.80 -12.12
N ASP B 238 -4.01 -9.92 -12.37
CA ASP B 238 -4.91 -9.41 -11.35
C ASP B 238 -6.29 -9.99 -11.60
N GLN B 239 -6.69 -10.94 -10.75
CA GLN B 239 -8.01 -11.57 -10.82
C GLN B 239 -8.95 -10.89 -9.84
N GLN B 240 -10.12 -10.48 -10.34
CA GLN B 240 -11.18 -9.95 -9.49
C GLN B 240 -12.29 -10.99 -9.32
N ILE B 241 -12.91 -10.97 -8.15
CA ILE B 241 -14.03 -11.85 -7.83
C ILE B 241 -15.10 -10.97 -7.19
N MET B 242 -16.18 -10.69 -7.92
CA MET B 242 -17.23 -9.83 -7.41
C MET B 242 -18.05 -10.56 -6.34
N LYS B 243 -18.51 -9.79 -5.35
CA LYS B 243 -19.24 -10.33 -4.22
C LYS B 243 -20.73 -10.11 -4.40
N ASN B 244 -21.53 -11.14 -4.08
CA ASN B 244 -22.97 -10.99 -4.10
C ASN B 244 -23.48 -10.23 -2.88
N GLY B 245 -22.79 -10.37 -1.74
CA GLY B 245 -23.16 -9.65 -0.53
C GLY B 245 -21.94 -9.16 0.23
N ILE B 246 -21.86 -9.50 1.52
CA ILE B 246 -20.71 -9.13 2.35
C ILE B 246 -20.05 -10.40 2.88
N PHE B 247 -19.48 -11.18 1.98
CA PHE B 247 -18.87 -12.46 2.34
C PHE B 247 -17.74 -12.26 3.33
N SER B 248 -17.58 -13.23 4.23
CA SER B 248 -16.49 -13.25 5.20
C SER B 248 -15.91 -14.65 5.24
N TYR B 249 -14.59 -14.76 5.12
CA TYR B 249 -13.92 -16.05 5.06
C TYR B 249 -13.51 -16.47 6.47
N SER B 250 -14.18 -17.50 6.98
CA SER B 250 -13.86 -18.09 8.29
C SER B 250 -14.05 -19.59 8.19
N LYS B 251 -12.95 -20.33 8.16
CA LYS B 251 -12.99 -21.79 8.04
C LYS B 251 -12.10 -22.42 9.09
N THR B 252 -12.43 -23.65 9.45
CA THR B 252 -11.57 -24.42 10.35
C THR B 252 -10.28 -24.80 9.62
N LYS B 253 -9.29 -25.25 10.40
CA LYS B 253 -8.00 -25.60 9.83
C LYS B 253 -8.13 -26.77 8.86
N ALA B 254 -9.10 -27.65 9.08
CA ALA B 254 -9.33 -28.79 8.20
C ALA B 254 -10.25 -28.48 7.03
N ASN B 255 -10.85 -27.29 6.99
CA ASN B 255 -11.77 -26.91 5.92
C ASN B 255 -11.25 -25.73 5.10
N GLN B 256 -9.96 -25.43 5.21
CA GLN B 256 -9.38 -24.30 4.50
C GLN B 256 -9.45 -24.51 2.99
N TRP B 257 -9.76 -23.44 2.26
CA TRP B 257 -9.79 -23.46 0.81
C TRP B 257 -8.37 -23.43 0.26
N ALA B 258 -8.25 -23.48 -1.07
CA ALA B 258 -6.98 -23.36 -1.74
C ALA B 258 -7.13 -22.49 -2.98
N TYR B 259 -6.10 -21.72 -3.28
CA TYR B 259 -6.07 -20.91 -4.49
C TYR B 259 -5.26 -21.64 -5.55
N ASN B 260 -5.89 -21.87 -6.71
CA ASN B 260 -5.28 -22.59 -7.81
C ASN B 260 -5.06 -21.66 -8.98
N TYR B 261 -3.89 -21.77 -9.59
CA TYR B 261 -3.47 -20.90 -10.68
C TYR B 261 -2.93 -21.73 -11.82
N GLN B 262 -3.04 -21.19 -13.03
CA GLN B 262 -2.51 -21.84 -14.23
C GLN B 262 -1.76 -20.80 -15.05
N ILE B 263 -0.45 -21.01 -15.21
CA ILE B 263 0.41 -20.12 -15.99
C ILE B 263 0.63 -20.73 -17.36
N ASP B 264 0.72 -19.87 -18.38
CA ASP B 264 0.95 -20.35 -19.74
C ASP B 264 2.29 -21.09 -19.82
N LYS B 265 2.23 -22.30 -20.37
CA LYS B 265 3.46 -23.09 -20.53
C LYS B 265 4.47 -22.41 -21.45
N ASP B 266 4.01 -21.54 -22.34
CA ASP B 266 4.90 -20.86 -23.27
C ASP B 266 5.76 -19.80 -22.60
N LEU B 267 5.54 -19.52 -21.32
CA LEU B 267 6.27 -18.47 -20.61
C LEU B 267 7.25 -19.00 -19.59
N LEU B 268 7.24 -20.29 -19.29
CA LEU B 268 8.13 -20.83 -18.27
C LEU B 268 9.61 -20.64 -18.59
N PRO B 269 10.08 -20.77 -19.84
CA PRO B 269 11.50 -20.45 -20.10
C PRO B 269 11.90 -19.05 -19.67
N TYR B 270 10.98 -18.10 -19.66
CA TYR B 270 11.29 -16.70 -19.38
C TYR B 270 10.98 -16.29 -17.94
N ILE B 271 10.49 -17.20 -17.10
CA ILE B 271 10.06 -16.89 -15.76
C ILE B 271 11.16 -17.29 -14.78
N GLU B 272 11.64 -16.32 -13.99
CA GLU B 272 12.59 -16.61 -12.93
C GLU B 272 11.86 -17.15 -11.70
N GLY B 273 10.70 -16.60 -11.38
CA GLY B 273 9.93 -17.06 -10.24
C GLY B 273 8.55 -16.45 -10.27
N VAL B 274 7.64 -17.09 -9.52
CA VAL B 274 6.24 -16.69 -9.46
C VAL B 274 5.89 -16.45 -8.01
N GLU B 275 5.26 -15.30 -7.73
CA GLU B 275 4.91 -14.89 -6.37
C GLU B 275 3.43 -14.57 -6.29
N LEU B 276 2.89 -14.65 -5.07
CA LEU B 276 1.51 -14.29 -4.77
C LEU B 276 1.51 -13.03 -3.93
N HIS B 277 0.80 -12.01 -4.40
CA HIS B 277 0.76 -10.72 -3.74
C HIS B 277 -0.64 -10.46 -3.19
N GLN B 278 -0.72 -9.63 -2.17
CA GLN B 278 -2.00 -9.19 -1.64
C GLN B 278 -2.59 -8.11 -2.55
N TYR B 279 -3.90 -8.15 -2.73
CA TYR B 279 -4.62 -7.27 -3.66
C TYR B 279 -5.83 -6.72 -2.93
N ASP B 280 -5.61 -5.65 -2.17
CA ASP B 280 -6.63 -5.10 -1.28
C ASP B 280 -7.50 -4.10 -2.04
N TYR B 281 -8.81 -4.27 -1.96
CA TYR B 281 -9.77 -3.30 -2.46
C TYR B 281 -9.90 -2.18 -1.43
N LYS B 282 -9.29 -1.04 -1.73
CA LYS B 282 -9.17 0.03 -0.75
C LYS B 282 -10.39 0.96 -0.78
N GLY B 283 -11.56 0.34 -0.60
CA GLY B 283 -12.78 1.12 -0.47
C GLY B 283 -13.14 1.84 -1.75
N LEU B 284 -13.41 3.15 -1.64
CA LEU B 284 -13.79 3.94 -2.80
C LEU B 284 -12.66 4.05 -3.82
N ASN B 285 -11.42 3.76 -3.42
CA ASN B 285 -10.30 3.82 -4.34
C ASN B 285 -10.11 2.55 -5.15
N GLY B 286 -10.80 1.46 -4.78
CA GLY B 286 -10.71 0.24 -5.55
C GLY B 286 -9.36 -0.43 -5.40
N PHE B 287 -8.88 -1.03 -6.49
CA PHE B 287 -7.62 -1.75 -6.48
C PHE B 287 -6.47 -0.83 -6.87
N ASP B 288 -5.36 -0.96 -6.14
CA ASP B 288 -4.12 -0.28 -6.51
C ASP B 288 -3.44 -1.08 -7.60
N LYS B 289 -3.39 -0.51 -8.81
CA LYS B 289 -2.82 -1.23 -9.95
C LYS B 289 -1.30 -1.19 -9.98
N ASN B 290 -0.68 -0.42 -9.09
CA ASN B 290 0.77 -0.33 -9.08
C ASN B 290 1.39 -1.60 -8.51
N TYR B 291 2.64 -1.83 -8.89
CA TYR B 291 3.39 -2.94 -8.32
C TYR B 291 4.02 -2.49 -7.00
N ASP B 292 3.96 -3.38 -6.01
CA ASP B 292 4.51 -3.10 -4.69
C ASP B 292 5.06 -4.41 -4.14
N ALA B 293 6.39 -4.56 -4.17
CA ALA B 293 7.02 -5.79 -3.68
C ALA B 293 6.75 -6.01 -2.19
N LYS B 294 6.35 -4.97 -1.46
CA LYS B 294 6.03 -5.12 -0.05
C LYS B 294 4.77 -5.94 0.17
N ASN B 295 3.94 -6.11 -0.88
CA ASN B 295 2.69 -6.83 -0.77
C ASN B 295 2.84 -8.33 -0.99
N LYS B 296 4.05 -8.82 -1.24
CA LYS B 296 4.26 -10.24 -1.46
C LYS B 296 3.96 -11.00 -0.17
N VAL B 297 3.22 -12.09 -0.29
CA VAL B 297 2.81 -12.89 0.87
C VAL B 297 3.24 -14.35 0.76
N ALA B 298 3.69 -14.81 -0.41
CA ALA B 298 4.04 -16.21 -0.57
C ALA B 298 4.81 -16.40 -1.87
N ASP B 299 5.57 -17.48 -1.93
CA ASP B 299 6.24 -17.93 -3.14
C ASP B 299 5.46 -19.10 -3.72
N LEU B 300 5.02 -18.97 -4.96
CA LEU B 300 4.20 -19.99 -5.59
C LEU B 300 5.07 -21.02 -6.30
N THR B 301 4.62 -22.28 -6.28
CA THR B 301 5.30 -23.37 -6.95
C THR B 301 4.46 -23.86 -8.12
N ILE B 302 5.11 -24.19 -9.22
CA ILE B 302 4.44 -24.61 -10.45
C ILE B 302 5.12 -25.85 -11.00
N ASP B 303 4.37 -26.59 -11.80
CA ASP B 303 4.85 -27.81 -12.43
C ASP B 303 5.30 -27.51 -13.87
N GLU B 304 5.41 -28.55 -14.69
CA GLU B 304 5.94 -28.41 -16.04
C GLU B 304 4.93 -27.83 -17.01
N VAL B 305 3.63 -28.06 -16.80
CA VAL B 305 2.60 -27.50 -17.68
C VAL B 305 2.17 -26.11 -17.23
N GLY B 306 2.69 -25.62 -16.11
CA GLY B 306 2.41 -24.28 -15.64
C GLY B 306 1.32 -24.15 -14.59
N ASN B 307 0.83 -25.25 -14.04
CA ASN B 307 -0.23 -25.21 -13.04
C ASN B 307 0.36 -25.34 -11.64
N GLY B 308 -0.43 -24.91 -10.66
CA GLY B 308 0.03 -24.96 -9.27
C GLY B 308 -1.11 -24.61 -8.34
N THR B 309 -0.84 -24.80 -7.04
CA THR B 309 -1.85 -24.53 -6.02
C THR B 309 -1.14 -24.13 -4.73
N ILE B 310 -1.88 -23.49 -3.83
CA ILE B 310 -1.35 -23.01 -2.56
C ILE B 310 -2.49 -22.95 -1.56
N THR B 311 -2.18 -23.31 -0.31
CA THR B 311 -3.15 -23.27 0.78
C THR B 311 -2.43 -22.86 2.06
N SER B 312 -3.17 -22.83 3.16
CA SER B 312 -2.63 -22.43 4.46
C SER B 312 -3.66 -22.80 5.53
N ASP B 313 -3.22 -22.73 6.79
CA ASP B 313 -4.14 -22.97 7.90
C ASP B 313 -5.12 -21.81 8.09
N ASN B 314 -4.82 -20.65 7.49
CA ASN B 314 -5.76 -19.54 7.45
C ASN B 314 -5.49 -18.78 6.15
N LEU B 315 -6.36 -19.00 5.15
CA LEU B 315 -6.20 -18.34 3.86
C LEU B 315 -6.33 -16.83 3.96
N ASN B 316 -6.86 -16.30 5.07
CA ASN B 316 -6.88 -14.85 5.28
C ASN B 316 -5.47 -14.26 5.30
N LYS B 317 -4.45 -15.09 5.46
CA LYS B 317 -3.07 -14.61 5.41
C LYS B 317 -2.64 -14.29 3.99
N LEU B 318 -3.19 -14.99 3.00
CA LEU B 318 -2.76 -14.86 1.62
C LEU B 318 -3.72 -14.10 0.73
N ILE B 319 -5.00 -14.01 1.11
CA ILE B 319 -6.02 -13.35 0.29
C ILE B 319 -6.72 -12.30 1.14
N GLU B 320 -6.69 -11.06 0.69
CA GLU B 320 -7.46 -9.99 1.32
C GLU B 320 -8.90 -10.12 0.84
N PHE B 321 -9.69 -10.90 1.58
CA PHE B 321 -11.08 -11.15 1.22
C PHE B 321 -12.00 -9.97 1.52
N ASN B 322 -11.49 -8.93 2.17
CA ASN B 322 -12.30 -7.80 2.61
C ASN B 322 -13.52 -8.29 3.39
N ASN B 323 -13.25 -9.01 4.47
CA ASN B 323 -14.29 -9.71 5.21
C ASN B 323 -15.33 -8.73 5.75
N ALA B 324 -16.58 -9.15 5.73
CA ALA B 324 -17.73 -8.39 6.20
C ALA B 324 -17.97 -7.10 5.43
N LEU B 325 -17.25 -6.89 4.33
CA LEU B 325 -17.43 -5.70 3.50
C LEU B 325 -17.90 -6.09 2.11
N PRO B 326 -18.66 -5.22 1.43
CA PRO B 326 -19.12 -5.53 0.07
C PRO B 326 -18.11 -5.15 -0.99
N GLU B 327 -16.83 -5.37 -0.72
CA GLU B 327 -15.75 -5.01 -1.63
C GLU B 327 -15.35 -6.21 -2.46
N THR B 328 -15.06 -5.95 -3.74
CA THR B 328 -14.60 -7.00 -4.65
C THR B 328 -13.32 -7.64 -4.13
N VAL B 329 -13.25 -8.96 -4.21
CA VAL B 329 -12.06 -9.70 -3.78
C VAL B 329 -11.07 -9.78 -4.93
N GLY B 330 -9.82 -9.48 -4.64
CA GLY B 330 -8.78 -9.48 -5.66
C GLY B 330 -7.62 -10.37 -5.25
N VAL B 331 -7.00 -10.97 -6.26
CA VAL B 331 -5.82 -11.81 -6.06
C VAL B 331 -4.83 -11.48 -7.16
N ARG B 332 -3.59 -11.18 -6.77
CA ARG B 332 -2.54 -10.82 -7.72
C ARG B 332 -1.45 -11.89 -7.73
N VAL B 333 -1.07 -12.33 -8.92
CA VAL B 333 0.05 -13.25 -9.13
C VAL B 333 1.09 -12.51 -9.95
N VAL B 334 2.34 -12.57 -9.51
CA VAL B 334 3.44 -11.84 -10.13
C VAL B 334 4.42 -12.84 -10.72
N LEU B 335 4.80 -12.61 -11.98
CA LEU B 335 5.78 -13.43 -12.67
C LEU B 335 7.04 -12.60 -12.89
N LYS B 336 8.10 -12.93 -12.15
CA LYS B 336 9.37 -12.24 -12.30
C LYS B 336 10.16 -12.86 -13.45
N LEU B 337 10.45 -12.07 -14.47
CA LEU B 337 11.18 -12.59 -15.62
C LEU B 337 12.67 -12.68 -15.28
N ASN B 338 13.37 -13.54 -16.03
CA ASN B 338 14.82 -13.67 -15.90
C ASN B 338 15.60 -12.96 -17.01
N LYS B 339 14.97 -12.71 -18.15
CA LYS B 339 15.53 -11.87 -19.20
C LYS B 339 14.53 -10.79 -19.55
N SER B 340 14.97 -9.84 -20.38
CA SER B 340 14.07 -8.79 -20.85
C SER B 340 12.88 -9.39 -21.59
N VAL B 341 11.73 -8.73 -21.45
CA VAL B 341 10.49 -9.23 -22.04
C VAL B 341 10.55 -9.21 -23.56
N ASN B 342 11.43 -8.40 -24.15
CA ASN B 342 11.55 -8.36 -25.60
C ASN B 342 12.15 -9.65 -26.17
N ASN B 343 12.63 -10.55 -25.34
CA ASN B 343 13.19 -11.82 -25.80
C ASN B 343 12.12 -12.84 -26.13
N ILE B 344 10.84 -12.51 -25.96
CA ILE B 344 9.76 -13.47 -26.14
C ILE B 344 9.37 -13.57 -27.61
N LEU B 345 8.93 -12.46 -28.20
CA LEU B 345 8.56 -12.49 -29.61
C LEU B 345 9.77 -12.60 -30.53
N THR B 346 10.96 -12.27 -30.04
CA THR B 346 12.17 -12.30 -30.84
C THR B 346 12.89 -13.64 -30.75
N LYS B 347 12.30 -14.62 -30.08
CA LYS B 347 12.81 -15.98 -30.15
C LYS B 347 12.68 -16.49 -31.58
N ASP B 348 13.66 -17.30 -32.01
CA ASP B 348 13.78 -17.74 -33.39
C ASP B 348 13.74 -16.56 -34.38
N ALA B 349 14.43 -15.48 -34.03
CA ALA B 349 14.67 -14.39 -34.96
C ALA B 349 16.12 -14.47 -35.48
N LYS B 350 16.41 -13.66 -36.49
CA LYS B 350 17.70 -13.68 -37.16
C LYS B 350 18.31 -12.29 -37.15
N TYR B 351 19.65 -12.25 -37.10
CA TYR B 351 20.39 -11.00 -37.02
C TYR B 351 21.45 -10.94 -38.12
N ASP B 352 22.07 -9.76 -38.26
CA ASP B 352 22.96 -9.48 -39.37
C ASP B 352 24.42 -9.72 -38.95
N SER B 353 25.33 -9.23 -39.80
CA SER B 353 26.75 -9.26 -39.45
C SER B 353 27.04 -8.33 -38.29
N GLU B 354 26.42 -7.15 -38.31
CA GLU B 354 26.58 -6.14 -37.27
C GLU B 354 25.79 -6.45 -36.00
N GLY B 355 24.99 -7.50 -36.00
CA GLY B 355 24.19 -7.85 -34.85
C GLY B 355 22.83 -7.20 -34.79
N ASN B 356 22.38 -6.57 -35.88
CA ASN B 356 21.08 -5.91 -35.93
C ASN B 356 19.99 -6.90 -36.34
N LEU B 357 18.78 -6.62 -35.90
CA LEU B 357 17.63 -7.49 -36.15
C LEU B 357 17.07 -7.27 -37.55
N ILE B 358 16.71 -8.38 -38.22
CA ILE B 358 15.93 -8.31 -39.44
C ILE B 358 14.46 -8.25 -39.05
N ARG B 359 13.79 -7.17 -39.43
CA ARG B 359 12.42 -6.93 -38.98
C ARG B 359 11.41 -7.93 -39.54
N GLU B 360 11.79 -8.72 -40.55
CA GLU B 360 10.85 -9.63 -41.21
C GLU B 360 11.00 -11.07 -40.72
N THR B 361 11.66 -11.27 -39.57
CA THR B 361 11.83 -12.61 -39.01
C THR B 361 11.28 -12.73 -37.60
N THR B 362 10.92 -11.63 -36.95
CA THR B 362 10.42 -11.70 -35.58
C THR B 362 8.90 -11.76 -35.58
N LYS B 363 8.37 -12.39 -34.52
CA LYS B 363 6.92 -12.46 -34.35
C LYS B 363 6.34 -11.07 -34.09
N GLN B 364 5.12 -10.86 -34.59
CA GLN B 364 4.42 -9.59 -34.42
C GLN B 364 3.38 -9.63 -33.31
N LYS B 365 2.61 -10.71 -33.22
CA LYS B 365 1.63 -10.89 -32.17
C LYS B 365 1.81 -12.25 -31.52
N GLU B 366 1.48 -12.32 -30.23
CA GLU B 366 1.39 -13.60 -29.53
C GLU B 366 0.60 -13.39 -28.25
N ASP B 367 -0.37 -14.26 -28.00
CA ASP B 367 -1.22 -14.17 -26.83
C ASP B 367 -0.86 -15.25 -25.82
N PHE B 368 -0.99 -14.90 -24.54
CA PHE B 368 -0.73 -15.83 -23.45
C PHE B 368 -1.94 -15.88 -22.54
N THR B 369 -2.28 -17.08 -22.07
CA THR B 369 -3.50 -17.30 -21.32
C THR B 369 -3.18 -17.80 -19.91
N PHE B 370 -3.94 -17.32 -18.94
CA PHE B 370 -3.79 -17.71 -17.54
C PHE B 370 -5.17 -17.97 -16.95
N ALA B 371 -5.19 -18.55 -15.76
CA ALA B 371 -6.46 -18.84 -15.08
C ALA B 371 -6.21 -18.99 -13.59
N GLY B 372 -7.20 -18.58 -12.82
CA GLY B 372 -7.14 -18.70 -11.36
C GLY B 372 -8.52 -18.95 -10.81
N TYR B 373 -8.58 -19.72 -9.73
CA TYR B 373 -9.85 -20.09 -9.14
C TYR B 373 -9.61 -20.59 -7.72
N LEU B 374 -10.71 -20.70 -6.97
CA LEU B 374 -10.69 -21.15 -5.59
C LEU B 374 -11.44 -22.48 -5.47
N THR B 375 -10.84 -23.41 -4.73
CA THR B 375 -11.45 -24.71 -4.47
C THR B 375 -11.69 -24.88 -2.97
N ASP B 376 -12.67 -25.71 -2.63
CA ASP B 376 -13.05 -25.90 -1.24
C ASP B 376 -12.19 -27.01 -0.62
N SER B 377 -12.63 -27.57 0.50
CA SER B 377 -11.82 -28.55 1.22
C SER B 377 -11.62 -29.81 0.39
N LYS B 378 -12.68 -30.30 -0.27
CA LYS B 378 -12.59 -31.53 -1.06
C LYS B 378 -11.97 -31.30 -2.43
N GLY B 379 -11.86 -30.05 -2.89
CA GLY B 379 -11.25 -29.75 -4.16
C GLY B 379 -12.20 -29.28 -5.25
N ALA B 380 -13.44 -28.95 -4.91
CA ALA B 380 -14.42 -28.51 -5.89
C ALA B 380 -14.42 -27.00 -6.00
N LEU B 381 -14.81 -26.52 -7.18
CA LEU B 381 -14.75 -25.10 -7.48
C LEU B 381 -15.82 -24.31 -6.71
N ILE B 382 -15.44 -23.13 -6.24
CA ILE B 382 -16.39 -22.18 -5.67
C ILE B 382 -17.14 -21.52 -6.83
N ASN B 383 -18.43 -21.24 -6.61
CA ASN B 383 -19.39 -21.10 -7.70
C ASN B 383 -18.94 -20.16 -8.81
N ASN B 384 -18.51 -18.95 -8.46
CA ASN B 384 -18.15 -17.98 -9.50
C ASN B 384 -16.80 -17.33 -9.22
N THR B 385 -15.80 -18.14 -8.87
CA THR B 385 -14.46 -17.65 -8.62
C THR B 385 -13.47 -17.99 -9.74
N LEU B 386 -13.92 -18.67 -10.79
CA LEU B 386 -13.01 -19.02 -11.88
C LEU B 386 -12.88 -17.82 -12.80
N GLY B 387 -11.67 -17.26 -12.88
CA GLY B 387 -11.39 -16.15 -13.75
C GLY B 387 -10.22 -16.38 -14.68
N THR B 388 -10.47 -16.38 -15.98
CA THR B 388 -9.40 -16.54 -16.96
C THR B 388 -8.91 -15.16 -17.40
N SER B 389 -7.69 -15.15 -17.93
CA SER B 389 -7.07 -13.89 -18.35
C SER B 389 -6.19 -14.17 -19.57
N THR B 390 -6.07 -13.15 -20.42
CA THR B 390 -5.23 -13.21 -21.61
C THR B 390 -4.29 -12.01 -21.62
N LEU B 391 -3.03 -12.26 -21.98
CA LEU B 391 -2.02 -11.22 -22.13
C LEU B 391 -1.63 -11.16 -23.61
N ALA B 392 -1.97 -10.06 -24.27
CA ALA B 392 -1.71 -9.88 -25.70
C ALA B 392 -0.45 -9.05 -25.87
N LEU B 393 0.68 -9.73 -26.10
CA LEU B 393 1.93 -9.07 -26.43
C LEU B 393 2.01 -8.81 -27.92
N GLN B 394 2.49 -7.61 -28.29
CA GLN B 394 2.47 -7.16 -29.66
C GLN B 394 3.72 -6.34 -29.97
N ASP B 395 4.21 -6.46 -31.20
CA ASP B 395 5.35 -5.69 -31.72
C ASP B 395 4.94 -5.17 -33.10
N TYR B 396 4.18 -4.09 -33.10
CA TYR B 396 3.50 -3.64 -34.32
C TYR B 396 4.50 -3.31 -35.42
N ASP B 397 5.53 -2.53 -35.10
CA ASP B 397 6.53 -2.13 -36.09
C ASP B 397 7.63 -3.16 -36.29
N LYS B 398 7.59 -4.27 -35.55
CA LYS B 398 8.55 -5.38 -35.74
C LYS B 398 9.99 -4.90 -35.61
N ASP B 399 10.26 -4.13 -34.56
CA ASP B 399 11.61 -3.66 -34.28
C ASP B 399 12.25 -4.37 -33.09
N GLY B 400 11.67 -5.47 -32.63
CA GLY B 400 12.20 -6.21 -31.51
C GLY B 400 11.73 -5.74 -30.15
N LEU B 401 11.13 -4.56 -30.06
CA LEU B 401 10.63 -4.01 -28.81
C LEU B 401 9.12 -4.14 -28.75
N LEU B 402 8.61 -4.65 -27.64
CA LEU B 402 7.17 -4.78 -27.46
C LEU B 402 6.50 -3.42 -27.39
N ASP B 403 5.24 -3.36 -27.83
CA ASP B 403 4.47 -2.13 -27.74
C ASP B 403 4.40 -1.63 -26.32
N ARG B 404 4.21 -2.55 -25.36
CA ARG B 404 4.16 -2.14 -23.96
C ARG B 404 5.52 -1.65 -23.48
N TYR B 405 6.60 -2.27 -23.94
CA TYR B 405 7.94 -1.81 -23.58
C TYR B 405 8.19 -0.40 -24.08
N GLU B 406 7.86 -0.14 -25.35
CA GLU B 406 8.13 1.16 -25.93
C GLU B 406 7.30 2.25 -25.27
N ARG B 407 6.07 1.93 -24.87
CA ARG B 407 5.20 2.94 -24.28
C ARG B 407 5.50 3.18 -22.81
N GLN B 408 6.03 2.16 -22.11
CA GLN B 408 6.16 2.24 -20.67
C GLN B 408 7.59 2.45 -20.17
N LEU B 409 8.60 2.14 -20.97
CA LEU B 409 9.98 2.20 -20.49
C LEU B 409 10.90 2.96 -21.45
N SER B 410 10.95 2.52 -22.71
CA SER B 410 11.84 3.16 -23.67
C SER B 410 11.32 4.50 -24.17
N LEU B 411 10.01 4.73 -24.06
CA LEU B 411 9.38 6.00 -24.44
C LEU B 411 9.57 6.31 -25.93
N SER B 412 9.55 5.26 -26.75
CA SER B 412 9.69 5.41 -28.19
C SER B 412 8.35 5.13 -28.88
N ASP B 413 8.28 5.53 -30.16
CA ASP B 413 7.07 5.33 -30.94
C ASP B 413 6.87 3.85 -31.22
N ALA B 414 5.71 3.33 -30.82
CA ALA B 414 5.43 1.91 -31.04
C ALA B 414 5.11 1.60 -32.49
N GLU B 415 4.89 2.62 -33.32
CA GLU B 415 4.58 2.45 -34.74
C GLU B 415 5.64 3.11 -35.62
N ASN B 416 6.90 2.97 -35.22
CA ASN B 416 8.02 3.55 -35.99
C ASN B 416 9.25 2.70 -35.71
N GLU B 417 9.87 2.19 -36.77
CA GLU B 417 11.10 1.43 -36.62
C GLU B 417 12.28 2.30 -36.20
N ASP B 418 12.21 3.61 -36.47
CA ASP B 418 13.31 4.53 -36.19
C ASP B 418 12.69 5.88 -35.80
N THR B 419 12.48 6.07 -34.50
CA THR B 419 11.78 7.26 -34.03
C THR B 419 12.60 8.53 -34.28
N ASP B 420 13.88 8.50 -33.91
CA ASP B 420 14.71 9.69 -34.07
C ASP B 420 15.24 9.87 -35.48
N GLY B 421 15.17 8.84 -36.32
CA GLY B 421 15.57 8.97 -37.71
C GLY B 421 17.07 9.07 -37.90
N ASP B 422 17.81 8.13 -37.29
CA ASP B 422 19.27 8.12 -37.40
C ASP B 422 19.79 6.81 -37.99
N GLY B 423 18.91 6.05 -38.64
CA GLY B 423 19.30 4.82 -39.31
C GLY B 423 19.45 3.62 -38.40
N LYS B 424 19.46 3.80 -37.09
CA LYS B 424 19.57 2.71 -36.14
C LYS B 424 18.18 2.40 -35.58
N ASN B 425 17.69 1.19 -35.85
CA ASN B 425 16.36 0.79 -35.39
C ASN B 425 16.28 0.83 -33.87
N ASP B 426 15.05 0.94 -33.37
CA ASP B 426 14.83 1.10 -31.93
C ASP B 426 15.35 -0.09 -31.14
N GLY B 427 15.09 -1.31 -31.61
CA GLY B 427 15.56 -2.48 -30.89
C GLY B 427 17.07 -2.58 -30.87
N ASP B 428 17.72 -2.31 -32.01
CA ASP B 428 19.18 -2.33 -32.07
C ASP B 428 19.77 -1.28 -31.14
N GLU B 429 19.13 -0.11 -31.05
CA GLU B 429 19.67 0.96 -30.20
C GLU B 429 19.64 0.59 -28.73
N VAL B 430 18.66 -0.21 -28.31
CA VAL B 430 18.50 -0.50 -26.88
C VAL B 430 19.35 -1.67 -26.44
N VAL B 431 19.39 -2.75 -27.23
CA VAL B 431 20.04 -3.98 -26.79
C VAL B 431 21.43 -4.13 -27.41
N ASN B 432 21.62 -3.58 -28.60
CA ASN B 432 22.89 -3.78 -29.31
C ASN B 432 23.80 -2.58 -29.17
N TYR B 433 23.44 -1.45 -29.78
CA TYR B 433 24.25 -0.24 -29.67
C TYR B 433 24.26 0.34 -28.26
N LYS B 434 23.22 0.05 -27.47
CA LYS B 434 23.08 0.58 -26.12
C LYS B 434 23.12 2.12 -26.12
N THR B 435 22.49 2.72 -27.13
CA THR B 435 22.34 4.15 -27.24
C THR B 435 20.87 4.53 -27.09
N SER B 436 20.63 5.81 -26.84
CA SER B 436 19.26 6.28 -26.66
C SER B 436 18.52 6.24 -27.99
N PRO B 437 17.30 5.69 -28.03
CA PRO B 437 16.58 5.64 -29.30
C PRO B 437 15.81 6.91 -29.61
N LEU B 438 16.15 8.01 -28.94
CA LEU B 438 15.46 9.27 -29.17
C LEU B 438 16.35 10.42 -29.60
N VAL B 439 17.67 10.24 -29.59
CA VAL B 439 18.62 11.29 -29.99
C VAL B 439 19.51 10.76 -31.09
N GLY B 440 19.85 11.63 -32.04
CA GLY B 440 20.67 11.26 -33.18
C GLY B 440 20.07 11.68 -34.50
N LYS B 441 20.86 12.34 -35.35
CA LYS B 441 20.33 12.82 -36.62
C LYS B 441 21.26 12.47 -37.78
CA CA C . 0.41 -7.99 7.43
CA CA D . 13.34 27.51 10.58
CA CA E . 16.14 28.41 7.40
CA CA F . 17.19 34.23 0.92
CA CA G . 16.22 33.62 -2.74
CA CA H . -10.21 -3.50 1.87
CA CA I . 8.13 -2.19 -31.44
CA CA J . 9.46 1.54 -32.30
CA CA K . 17.15 5.38 -34.04
CA CA L . 19.53 7.26 -31.41
#